data_6PD4
#
_entry.id   6PD4
#
_cell.length_a   66.152
_cell.length_b   73.244
_cell.length_c   109.132
_cell.angle_alpha   90.000
_cell.angle_beta   91.850
_cell.angle_gamma   90.000
#
_symmetry.space_group_name_H-M   'P 1 21 1'
#
loop_
_entity.id
_entity.type
_entity.pdbx_description
1 polymer 'Attachment glycoprotein'
2 branched 2-acetamido-2-deoxy-beta-D-glucopyranose-(1-4)-2-acetamido-2-deoxy-beta-D-glucopyranose
3 branched alpha-L-fucopyranose-(1-3)-[2-acetamido-2-deoxy-beta-D-glucopyranose-(1-4)][alpha-L-fucopyranose-(1-6)]2-acetamido-2-deoxy-beta-D-glucopyranose
4 branched beta-D-mannopyranose-(1-6)-beta-D-mannopyranose-(1-4)-2-acetamido-2-deoxy-beta-D-glucopyranose-(1-4)-[alpha-L-fucopyranose-(1-3)][alpha-L-fucopyranose-(1-6)]2-acetamido-2-deoxy-beta-D-glucopyranose
5 non-polymer 2-acetamido-2-deoxy-beta-D-glucopyranose
6 non-polymer 'SULFATE ION'
7 water water
#
_entity_poly.entity_id   1
_entity_poly.type   'polypeptide(L)'
_entity_poly.pdbx_seq_one_letter_code
;YRPISQGVSDLVGLPNQICLQKTTSTILKPRLISYTLPINTREGVCITDPLLAVDNGFFAYSHLEKIGSCTRGIAKQRII
GVGEVLDRGDKVPSMFMTNVWTPPNPSTIHHCSSTYHEDFYYTLCAVSHVGDPILNSTSWTESLSLIRLAVRPKSDSGDY
NQKYIAITKVERGKYDKVMPYGPSGIKQGDTLYFPAVGFLPRTEFQYNDSNCPIIHCKYSKAENCRLSMGVNSKSHYILR
SGLLKYNLSLGGDIILQFIEIADNRLTIGSPSKIYNSLGQPVFYQASYSWDTMIKLGDVDTVDPLRVQWRNNSVISRPGQ
SQCPRFNVCPEVCWEGTYNDAFLIDRLNWVSAGVYLNSNQTAENPVFAVFKDNEILYQVPLAEDDTNAQKTITDCFLLEN
VIWCISLVEIYDTGDSVIRPKLFAVKIPAQCSESGRGLVPR
;
_entity_poly.pdbx_strand_id   A,B
#
# COMPACT_ATOMS: atom_id res chain seq x y z
N GLN A 6 -3.29 9.85 11.33
CA GLN A 6 -3.34 11.26 11.09
C GLN A 6 -4.21 11.51 12.35
N GLY A 7 -5.47 11.10 12.11
CA GLY A 7 -6.64 10.93 12.99
C GLY A 7 -7.17 9.49 13.08
N VAL A 8 -6.29 8.49 13.15
CA VAL A 8 -6.67 7.09 13.35
C VAL A 8 -6.62 6.88 14.85
N SER A 9 -7.75 6.53 15.43
CA SER A 9 -7.80 6.36 16.86
C SER A 9 -8.80 5.26 17.16
N ASP A 10 -8.95 4.96 18.45
CA ASP A 10 -9.79 3.88 18.91
C ASP A 10 -11.26 4.16 18.63
N LEU A 11 -12.04 3.09 18.52
CA LEU A 11 -13.49 3.17 18.40
C LEU A 11 -14.06 3.56 19.75
N VAL A 12 -14.34 4.86 19.91
CA VAL A 12 -14.70 5.43 21.20
C VAL A 12 -15.48 6.70 20.97
N GLY A 13 -16.24 7.12 21.97
CA GLY A 13 -16.98 8.38 21.87
C GLY A 13 -18.28 8.22 21.08
N LEU A 14 -18.51 9.11 20.12
CA LEU A 14 -19.73 9.09 19.31
C LEU A 14 -19.31 9.11 17.85
N PRO A 15 -19.12 7.94 17.24
CA PRO A 15 -18.66 7.90 15.85
C PRO A 15 -19.72 8.46 14.92
N ASN A 16 -19.29 8.76 13.70
CA ASN A 16 -20.24 9.10 12.65
C ASN A 16 -21.24 7.97 12.49
N GLN A 17 -22.42 8.32 12.00
CA GLN A 17 -23.49 7.36 11.90
C GLN A 17 -23.15 6.24 10.91
N ILE A 18 -23.70 5.06 11.18
CA ILE A 18 -23.60 3.93 10.28
C ILE A 18 -25.02 3.47 9.95
N CYS A 19 -25.13 2.68 8.88
CA CYS A 19 -26.42 2.10 8.52
C CYS A 19 -26.83 1.05 9.54
N LEU A 20 -28.05 1.20 10.09
CA LEU A 20 -28.55 0.30 11.14
C LEU A 20 -29.78 -0.48 10.69
N GLN A 21 -30.00 -0.65 9.40
CA GLN A 21 -31.13 -1.45 8.95
C GLN A 21 -30.65 -2.51 7.97
N LYS A 22 -31.46 -3.55 7.84
CA LYS A 22 -31.20 -4.61 6.87
C LYS A 22 -31.35 -4.06 5.44
N THR A 23 -30.38 -4.39 4.58
CA THR A 23 -30.39 -3.92 3.19
C THR A 23 -29.64 -4.93 2.31
N THR A 24 -30.12 -5.10 1.08
CA THR A 24 -29.40 -5.86 0.05
C THR A 24 -28.44 -4.98 -0.75
N SER A 25 -28.53 -3.66 -0.61
CA SER A 25 -27.66 -2.75 -1.36
C SER A 25 -26.19 -3.05 -1.09
N THR A 26 -25.37 -2.83 -2.10
CA THR A 26 -23.95 -3.13 -1.98
C THR A 26 -23.24 -1.92 -1.39
N ILE A 27 -23.50 -1.69 -0.11
CA ILE A 27 -22.91 -0.54 0.54
C ILE A 27 -21.55 -0.86 1.12
N LEU A 28 -21.21 -2.14 1.30
CA LEU A 28 -19.88 -2.49 1.75
C LEU A 28 -18.98 -2.59 0.53
N LYS A 29 -17.84 -1.91 0.59
CA LYS A 29 -16.89 -1.84 -0.53
C LYS A 29 -15.50 -2.19 -0.02
N PRO A 30 -15.21 -3.49 0.12
CA PRO A 30 -13.92 -3.89 0.67
C PRO A 30 -12.79 -3.51 -0.29
N ARG A 31 -11.68 -3.11 0.28
CA ARG A 31 -10.49 -2.75 -0.45
C ARG A 31 -9.34 -3.56 0.08
N LEU A 32 -8.44 -4.00 -0.79
CA LEU A 32 -7.18 -4.55 -0.30
C LEU A 32 -6.37 -3.39 0.26
N ILE A 33 -5.86 -3.55 1.45
CA ILE A 33 -5.19 -2.44 2.10
C ILE A 33 -3.74 -2.37 1.67
N SER A 34 -3.22 -1.14 1.61
CA SER A 34 -1.82 -0.89 1.31
C SER A 34 -0.98 -1.15 2.56
N TYR A 35 0.14 -1.87 2.40
CA TYR A 35 0.93 -2.22 3.56
C TYR A 35 2.38 -2.43 3.16
N THR A 36 3.29 -2.32 4.15
CA THR A 36 4.71 -2.65 4.00
C THR A 36 5.08 -3.94 4.71
N LEU A 37 4.12 -4.66 5.27
CA LEU A 37 4.45 -5.91 5.95
C LEU A 37 4.97 -6.93 4.94
N PRO A 38 5.99 -7.68 5.28
CA PRO A 38 6.56 -8.59 4.27
C PRO A 38 5.79 -9.91 4.25
N ILE A 39 4.59 -9.88 3.68
CA ILE A 39 3.69 -11.03 3.74
C ILE A 39 3.38 -11.60 2.37
N ASN A 40 4.17 -11.24 1.36
CA ASN A 40 4.00 -11.77 0.02
C ASN A 40 5.11 -12.76 -0.27
N THR A 41 4.80 -13.78 -1.07
CA THR A 41 5.77 -14.83 -1.34
C THR A 41 5.62 -15.35 -2.76
N ARG A 42 6.25 -16.50 -2.98
CA ARG A 42 6.04 -17.47 -4.04
C ARG A 42 5.52 -18.81 -3.61
N GLU A 43 5.24 -19.57 -4.66
CA GLU A 43 4.77 -20.93 -4.54
C GLU A 43 5.81 -21.73 -3.77
N GLY A 44 5.33 -22.80 -3.18
CA GLY A 44 6.14 -23.70 -2.40
C GLY A 44 6.08 -23.42 -0.91
N VAL A 45 5.64 -22.23 -0.51
CA VAL A 45 5.63 -21.79 0.88
C VAL A 45 4.20 -21.53 1.32
N CYS A 46 3.88 -21.85 2.57
CA CYS A 46 2.62 -21.44 3.19
C CYS A 46 2.90 -20.43 4.30
N ILE A 47 2.08 -19.36 4.36
CA ILE A 47 2.18 -18.36 5.42
C ILE A 47 1.01 -18.59 6.37
N THR A 48 1.30 -19.13 7.54
CA THR A 48 0.28 -19.60 8.47
C THR A 48 0.47 -18.93 9.84
N ASP A 49 -0.30 -19.38 10.82
CA ASP A 49 -0.30 -18.81 12.17
C ASP A 49 -0.37 -17.29 12.15
N PRO A 50 -1.31 -16.69 11.47
CA PRO A 50 -1.38 -15.22 11.41
C PRO A 50 -1.94 -14.62 12.69
N LEU A 51 -1.45 -13.42 13.02
CA LEU A 51 -1.92 -12.61 14.13
C LEU A 51 -2.08 -11.18 13.64
N LEU A 52 -3.17 -10.54 14.03
CA LEU A 52 -3.37 -9.12 13.80
C LEU A 52 -3.90 -8.49 15.08
N ALA A 53 -3.35 -7.33 15.45
CA ALA A 53 -3.86 -6.50 16.53
C ALA A 53 -3.83 -5.05 16.05
N VAL A 54 -4.82 -4.26 16.44
CA VAL A 54 -4.87 -2.86 16.03
C VAL A 54 -5.24 -2.04 17.24
N ASP A 55 -4.47 -0.97 17.49
CA ASP A 55 -4.78 -0.20 18.71
C ASP A 55 -4.18 1.20 18.64
N ASN A 56 -5.02 2.24 18.91
CA ASN A 56 -4.53 3.62 19.12
C ASN A 56 -3.66 4.05 17.94
N GLY A 57 -4.06 3.67 16.73
CA GLY A 57 -3.34 4.03 15.55
C GLY A 57 -2.10 3.19 15.28
N PHE A 58 -1.87 2.13 16.07
CA PHE A 58 -0.75 1.23 15.85
C PHE A 58 -1.29 -0.17 15.57
N PHE A 59 -0.41 -1.08 15.16
CA PHE A 59 -0.85 -2.45 14.91
C PHE A 59 0.28 -3.40 15.25
N ALA A 60 -0.09 -4.66 15.50
CA ALA A 60 0.86 -5.75 15.61
C ALA A 60 0.47 -6.86 14.65
N TYR A 61 1.47 -7.62 14.23
CA TYR A 61 1.30 -8.65 13.21
C TYR A 61 2.32 -9.75 13.43
N SER A 62 1.91 -10.99 13.16
CA SER A 62 2.84 -12.10 13.26
C SER A 62 2.42 -13.19 12.28
N HIS A 63 3.41 -13.96 11.81
CA HIS A 63 3.09 -15.15 11.03
C HIS A 63 4.26 -16.13 11.13
N LEU A 64 3.99 -17.36 10.71
CA LEU A 64 5.01 -18.40 10.52
C LEU A 64 4.97 -18.84 9.07
N GLU A 65 6.09 -18.65 8.37
CA GLU A 65 6.26 -19.08 6.99
C GLU A 65 6.81 -20.52 6.95
N LYS A 66 6.14 -21.40 6.23
CA LYS A 66 6.54 -22.80 6.12
C LYS A 66 6.81 -23.18 4.67
N ILE A 67 7.80 -24.04 4.46
CA ILE A 67 8.09 -24.59 3.13
C ILE A 67 7.25 -25.84 2.97
N GLY A 68 6.43 -25.88 1.93
CA GLY A 68 5.52 -27.00 1.77
C GLY A 68 4.15 -26.74 2.36
N SER A 69 3.64 -27.73 3.08
CA SER A 69 2.27 -27.74 3.60
C SER A 69 2.11 -26.76 4.77
N CYS A 70 0.89 -26.30 4.99
CA CYS A 70 0.67 -25.36 6.10
C CYS A 70 0.76 -26.06 7.43
N THR A 71 0.33 -27.33 7.50
CA THR A 71 0.39 -28.15 8.70
C THR A 71 1.70 -28.92 8.84
N ARG A 72 2.26 -29.45 7.74
CA ARG A 72 3.39 -30.39 7.79
C ARG A 72 4.68 -29.82 7.20
N GLY A 73 4.65 -28.59 6.69
CA GLY A 73 5.83 -28.04 6.07
C GLY A 73 6.91 -27.71 7.08
N ILE A 74 8.08 -27.36 6.55
CA ILE A 74 9.24 -27.05 7.38
C ILE A 74 9.23 -25.56 7.70
N ALA A 75 9.35 -25.23 8.99
CA ALA A 75 9.34 -23.84 9.45
C ALA A 75 10.50 -23.08 8.82
N LYS A 76 10.18 -21.99 8.14
CA LYS A 76 11.19 -21.16 7.48
C LYS A 76 11.49 -19.87 8.24
N GLN A 77 10.46 -19.11 8.61
CA GLN A 77 10.69 -17.81 9.22
C GLN A 77 9.47 -17.40 10.03
N ARG A 78 9.71 -17.03 11.28
CA ARG A 78 8.69 -16.42 12.13
C ARG A 78 9.01 -14.94 12.26
N ILE A 79 8.05 -14.07 12.00
CA ILE A 79 8.25 -12.64 12.23
C ILE A 79 7.20 -12.13 13.20
N ILE A 80 7.60 -11.19 14.04
CA ILE A 80 6.69 -10.36 14.80
C ILE A 80 6.98 -8.91 14.43
N GLY A 81 6.00 -8.20 13.94
CA GLY A 81 6.21 -6.83 13.49
C GLY A 81 5.12 -5.91 13.99
N VAL A 82 5.51 -4.65 14.20
CA VAL A 82 4.55 -3.64 14.65
C VAL A 82 4.66 -2.42 13.73
N GLY A 83 3.66 -1.56 13.81
CA GLY A 83 3.71 -0.36 12.99
C GLY A 83 2.57 0.59 13.27
N GLU A 84 2.37 1.51 12.33
CA GLU A 84 1.37 2.55 12.41
C GLU A 84 0.31 2.32 11.35
N VAL A 85 -0.92 2.64 11.71
CA VAL A 85 -2.00 2.69 10.74
C VAL A 85 -2.08 4.15 10.30
N LEU A 86 -1.84 4.39 9.02
CA LEU A 86 -1.72 5.74 8.50
C LEU A 86 -2.87 6.05 7.57
N ASP A 87 -2.96 7.33 7.23
CA ASP A 87 -3.84 7.80 6.16
C ASP A 87 -3.01 7.89 4.89
N ARG A 88 -3.40 7.11 3.88
CA ARG A 88 -2.57 7.18 2.69
C ARG A 88 -2.75 8.48 1.92
N GLY A 89 -3.54 9.42 2.45
CA GLY A 89 -3.78 10.71 1.84
C GLY A 89 -5.21 10.87 1.39
N ASP A 90 -5.95 9.77 1.41
CA ASP A 90 -7.31 9.60 0.91
C ASP A 90 -8.38 9.52 1.99
N LYS A 91 -8.04 9.71 3.26
CA LYS A 91 -8.88 9.25 4.37
C LYS A 91 -9.22 7.76 4.18
N VAL A 92 -8.21 6.98 3.82
CA VAL A 92 -8.26 5.52 3.72
C VAL A 92 -7.11 4.98 4.55
N PRO A 93 -7.32 3.96 5.40
CA PRO A 93 -6.22 3.45 6.22
C PRO A 93 -5.20 2.67 5.40
N SER A 94 -3.95 2.71 5.87
CA SER A 94 -2.86 1.90 5.34
C SER A 94 -1.97 1.49 6.52
N MET A 95 -1.16 0.44 6.33
CA MET A 95 -0.37 -0.13 7.41
C MET A 95 1.13 -0.02 7.11
N PHE A 96 1.84 0.76 7.93
CA PHE A 96 3.27 0.98 7.77
C PHE A 96 4.00 0.29 8.91
N MET A 97 4.83 -0.69 8.56
CA MET A 97 5.58 -1.45 9.54
C MET A 97 6.84 -0.69 9.93
N THR A 98 7.00 -0.48 11.23
CA THR A 98 8.12 0.30 11.75
C THR A 98 9.20 -0.54 12.44
N ASN A 99 8.92 -1.79 12.78
CA ASN A 99 9.79 -2.55 13.70
C ASN A 99 9.46 -4.03 13.57
N VAL A 100 10.45 -4.86 13.19
CA VAL A 100 10.21 -6.28 12.94
C VAL A 100 11.25 -7.10 13.70
N TRP A 101 10.78 -8.17 14.34
CA TRP A 101 11.63 -9.06 15.11
C TRP A 101 11.53 -10.46 14.54
N THR A 102 12.67 -11.16 14.47
CA THR A 102 12.77 -12.52 13.95
C THR A 102 13.65 -13.35 14.87
N PRO A 103 13.17 -14.50 15.35
CA PRO A 103 14.02 -15.37 16.17
C PRO A 103 14.96 -16.18 15.30
N PRO A 104 16.09 -16.64 15.84
CA PRO A 104 16.98 -17.49 15.03
C PRO A 104 16.37 -18.83 14.66
N ASN A 105 15.57 -19.45 15.54
CA ASN A 105 14.91 -20.72 15.25
C ASN A 105 13.43 -20.49 14.94
N PRO A 106 12.99 -20.60 13.69
CA PRO A 106 11.57 -20.32 13.37
C PRO A 106 10.58 -21.33 13.92
N SER A 107 11.03 -22.49 14.39
CA SER A 107 10.08 -23.54 14.75
C SER A 107 9.69 -23.57 16.23
N THR A 108 10.40 -22.88 17.11
CA THR A 108 10.15 -23.02 18.55
C THR A 108 9.08 -22.07 19.11
N ILE A 109 8.75 -20.98 18.40
CA ILE A 109 7.75 -20.02 18.89
C ILE A 109 6.37 -20.52 18.46
N HIS A 110 5.45 -20.61 19.43
CA HIS A 110 4.07 -21.01 19.14
C HIS A 110 3.09 -20.10 19.87
N HIS A 111 1.93 -19.86 19.25
CA HIS A 111 0.79 -19.19 19.89
C HIS A 111 1.16 -17.82 20.51
N CYS A 112 1.41 -16.86 19.62
CA CYS A 112 1.66 -15.50 20.06
C CYS A 112 0.35 -14.73 20.27
N SER A 113 0.42 -13.70 21.12
CA SER A 113 -0.74 -12.88 21.41
C SER A 113 -0.23 -11.49 21.78
N SER A 114 -0.79 -10.44 21.19
CA SER A 114 -0.23 -9.09 21.30
C SER A 114 -1.20 -8.12 21.98
N THR A 115 -0.65 -7.31 22.90
CA THR A 115 -1.41 -6.27 23.60
C THR A 115 -0.64 -4.97 23.58
N TYR A 116 -1.34 -3.86 23.31
CA TYR A 116 -0.73 -2.56 23.17
C TYR A 116 -0.69 -1.80 24.51
N HIS A 117 0.41 -1.08 24.77
CA HIS A 117 0.43 -0.12 25.89
C HIS A 117 1.51 0.94 25.71
N GLU A 118 1.07 2.20 25.50
CA GLU A 118 1.85 3.46 25.66
C GLU A 118 3.00 3.83 24.73
N ASP A 119 3.86 2.87 24.46
CA ASP A 119 5.02 2.96 23.56
C ASP A 119 5.26 1.66 22.81
N PHE A 120 4.69 0.57 23.27
CA PHE A 120 5.08 -0.77 22.85
C PHE A 120 3.85 -1.61 22.56
N TYR A 121 4.02 -2.57 21.68
CA TYR A 121 3.20 -3.76 21.66
C TYR A 121 3.95 -4.82 22.45
N TYR A 122 3.24 -5.48 23.36
CA TYR A 122 3.77 -6.60 24.12
C TYR A 122 3.20 -7.88 23.53
N THR A 123 4.07 -8.74 23.04
CA THR A 123 3.64 -10.00 22.44
C THR A 123 4.11 -11.15 23.32
N LEU A 124 3.16 -11.91 23.83
CA LEU A 124 3.44 -13.08 24.65
C LEU A 124 3.33 -14.32 23.78
N CYS A 125 4.37 -15.17 23.80
CA CYS A 125 4.41 -16.40 23.01
C CYS A 125 4.83 -17.58 23.88
N ALA A 126 4.43 -18.76 23.45
CA ALA A 126 4.95 -20.01 24.01
C ALA A 126 6.20 -20.40 23.26
N VAL A 127 7.09 -21.09 23.98
CA VAL A 127 8.29 -21.66 23.39
C VAL A 127 8.17 -23.17 23.54
N SER A 128 8.33 -23.91 22.43
CA SER A 128 8.13 -25.35 22.46
C SER A 128 9.17 -26.03 21.59
N HIS A 129 9.68 -27.17 22.08
CA HIS A 129 10.54 -28.04 21.28
C HIS A 129 9.84 -29.33 20.90
N VAL A 130 8.54 -29.43 21.17
CA VAL A 130 7.78 -30.63 20.86
C VAL A 130 6.61 -30.32 19.92
N GLY A 131 6.71 -29.22 19.17
CA GLY A 131 5.66 -28.83 18.26
C GLY A 131 4.58 -28.05 18.99
N ASP A 132 3.38 -28.10 18.45
CA ASP A 132 2.23 -27.40 18.99
C ASP A 132 1.86 -27.94 20.37
N PRO A 133 1.96 -27.14 21.44
CA PRO A 133 1.55 -27.64 22.78
C PRO A 133 0.13 -28.17 22.82
N ILE A 134 -0.79 -27.64 22.01
CA ILE A 134 -2.15 -28.19 22.02
C ILE A 134 -2.16 -29.65 21.59
N LEU A 135 -1.27 -30.05 20.69
CA LEU A 135 -1.19 -31.42 20.17
C LEU A 135 -0.18 -32.30 20.91
N ASN A 136 0.71 -31.73 21.71
CA ASN A 136 1.70 -32.44 22.50
C ASN A 136 1.66 -31.96 23.94
N SER A 137 0.47 -31.97 24.52
CA SER A 137 0.22 -31.39 25.84
C SER A 137 1.12 -31.98 26.92
N THR A 138 1.16 -33.31 27.01
CA THR A 138 1.94 -33.95 28.05
C THR A 138 3.43 -33.62 27.92
N SER A 139 3.97 -33.67 26.69
CA SER A 139 5.39 -33.46 26.41
C SER A 139 5.82 -32.02 26.66
N TRP A 140 4.95 -31.04 26.39
CA TRP A 140 5.35 -29.65 26.43
C TRP A 140 5.60 -29.21 27.88
N THR A 141 6.78 -28.68 28.15
CA THR A 141 7.05 -28.08 29.45
C THR A 141 6.82 -26.58 29.35
N GLU A 142 6.13 -26.04 30.34
CA GLU A 142 5.71 -24.66 30.39
C GLU A 142 6.87 -23.72 30.11
N SER A 143 6.75 -22.95 29.03
CA SER A 143 7.77 -21.99 28.67
C SER A 143 7.13 -20.86 27.89
N LEU A 144 7.16 -19.65 28.45
CA LEU A 144 6.55 -18.47 27.86
C LEU A 144 7.59 -17.36 27.74
N SER A 145 7.46 -16.58 26.68
CA SER A 145 8.38 -15.47 26.45
C SER A 145 7.63 -14.21 26.06
N LEU A 146 8.24 -13.09 26.38
CA LEU A 146 7.67 -11.80 26.05
C LEU A 146 8.58 -11.13 25.04
N ILE A 147 8.00 -10.70 23.92
CA ILE A 147 8.71 -9.91 22.91
C ILE A 147 8.08 -8.52 22.92
N ARG A 148 8.80 -7.54 23.45
CA ARG A 148 8.33 -6.16 23.55
C ARG A 148 8.93 -5.33 22.41
N LEU A 149 8.07 -4.65 21.64
CA LEU A 149 8.49 -3.91 20.47
C LEU A 149 7.97 -2.47 20.53
N ALA A 150 8.89 -1.51 20.37
CA ALA A 150 8.50 -0.10 20.30
C ALA A 150 7.78 0.18 18.99
N VAL A 151 6.61 0.82 19.08
CA VAL A 151 5.89 1.15 17.85
C VAL A 151 6.60 2.26 17.08
N ARG A 152 7.40 3.08 17.75
CA ARG A 152 8.20 4.11 17.10
C ARG A 152 9.65 3.94 17.54
N PRO A 153 10.43 3.11 16.85
CA PRO A 153 11.83 2.88 17.26
C PRO A 153 12.63 4.19 17.27
N LYS A 154 13.71 4.20 18.07
CA LYS A 154 14.60 5.34 18.27
C LYS A 154 16.04 4.87 18.17
N SER A 155 16.89 5.59 17.49
CA SER A 155 18.26 5.13 17.46
C SER A 155 18.99 5.44 18.77
N ASP A 156 19.94 4.56 19.09
CA ASP A 156 20.82 4.56 20.25
C ASP A 156 20.00 4.60 21.55
N SER A 157 19.15 3.58 21.69
CA SER A 157 18.20 3.53 22.79
C SER A 157 18.30 2.24 23.60
N GLY A 158 19.35 1.46 23.40
CA GLY A 158 19.51 0.22 24.14
C GLY A 158 18.50 -0.82 23.75
N ASP A 159 17.72 -1.29 24.72
CA ASP A 159 16.69 -2.29 24.44
C ASP A 159 15.29 -1.66 24.33
N TYR A 160 15.22 -0.36 24.09
CA TYR A 160 13.93 0.29 23.89
C TYR A 160 13.20 -0.28 22.66
N ASN A 161 13.93 -0.52 21.56
CA ASN A 161 13.28 -0.91 20.32
C ASN A 161 12.74 -2.33 20.37
N GLN A 162 13.57 -3.28 20.85
CA GLN A 162 13.24 -4.69 20.89
C GLN A 162 13.80 -5.26 22.17
N LYS A 163 12.95 -5.93 22.95
CA LYS A 163 13.36 -6.58 24.19
C LYS A 163 12.72 -7.96 24.24
N TYR A 164 13.55 -8.99 24.39
CA TYR A 164 13.11 -10.37 24.60
C TYR A 164 13.34 -10.78 26.05
N ILE A 165 12.32 -11.37 26.68
CA ILE A 165 12.45 -11.83 28.06
C ILE A 165 11.73 -13.16 28.22
N ALA A 166 12.44 -14.17 28.72
CA ALA A 166 11.82 -15.41 29.15
C ALA A 166 11.17 -15.18 30.50
N ILE A 167 9.97 -15.70 30.68
CA ILE A 167 9.21 -15.52 31.91
C ILE A 167 9.21 -16.83 32.68
N THR A 168 9.56 -16.75 33.97
CA THR A 168 9.65 -17.95 34.78
C THR A 168 8.57 -18.04 35.86
N LYS A 169 8.03 -16.91 36.31
CA LYS A 169 7.05 -16.92 37.39
C LYS A 169 5.65 -16.82 36.80
N VAL A 170 4.95 -17.94 36.75
CA VAL A 170 3.61 -18.01 36.15
C VAL A 170 2.67 -18.62 37.18
N GLU A 171 1.70 -17.83 37.64
CA GLU A 171 0.74 -18.28 38.63
C GLU A 171 -0.44 -18.90 37.90
N ARG A 172 -0.54 -20.22 38.00
CA ARG A 172 -1.56 -20.95 37.25
C ARG A 172 -2.53 -21.69 38.13
N GLY A 173 -2.47 -21.54 39.45
CA GLY A 173 -3.46 -22.19 40.31
C GLY A 173 -3.46 -23.70 40.16
N LYS A 174 -4.65 -24.28 39.94
CA LYS A 174 -4.79 -25.72 39.80
C LYS A 174 -4.29 -26.26 38.46
N TYR A 175 -4.12 -25.41 37.44
CA TYR A 175 -3.73 -25.91 36.11
C TYR A 175 -2.28 -26.38 36.11
N ASP A 176 -1.98 -27.37 35.27
CA ASP A 176 -0.58 -27.81 35.12
C ASP A 176 0.26 -26.79 34.38
N LYS A 177 -0.29 -26.23 33.30
CA LYS A 177 0.41 -25.34 32.38
C LYS A 177 -0.63 -24.39 31.76
N VAL A 178 -0.16 -23.21 31.33
CA VAL A 178 -0.99 -22.19 30.67
C VAL A 178 -0.19 -21.56 29.54
N MET A 179 -0.88 -20.96 28.57
CA MET A 179 -0.20 -20.36 27.42
C MET A 179 -1.12 -19.36 26.73
N PRO A 180 -0.56 -18.37 26.03
CA PRO A 180 -1.41 -17.48 25.22
C PRO A 180 -2.17 -18.27 24.18
N TYR A 181 -3.41 -17.83 23.89
CA TYR A 181 -4.23 -18.55 22.90
C TYR A 181 -5.21 -17.54 22.30
N GLY A 182 -4.79 -16.88 21.23
CA GLY A 182 -5.61 -15.85 20.62
C GLY A 182 -4.79 -14.64 20.21
N PRO A 183 -5.32 -13.84 19.27
CA PRO A 183 -4.47 -12.79 18.65
C PRO A 183 -4.13 -11.62 19.55
N SER A 184 -5.08 -11.14 20.37
CA SER A 184 -4.82 -9.85 20.97
C SER A 184 -5.61 -9.69 22.26
N GLY A 185 -5.07 -8.86 23.16
CA GLY A 185 -5.74 -8.52 24.41
C GLY A 185 -5.85 -7.03 24.67
N ILE A 186 -6.05 -6.64 25.95
CA ILE A 186 -6.31 -5.25 26.33
C ILE A 186 -5.41 -4.82 27.47
N LYS A 187 -5.28 -3.51 27.61
CA LYS A 187 -4.74 -2.87 28.79
C LYS A 187 -5.89 -2.28 29.60
N GLN A 188 -5.71 -2.25 30.91
CA GLN A 188 -6.56 -1.46 31.80
C GLN A 188 -5.59 -0.75 32.74
N GLY A 189 -5.39 0.55 32.51
CA GLY A 189 -4.37 1.26 33.24
C GLY A 189 -2.99 0.72 32.89
N ASP A 190 -2.25 0.19 33.87
CA ASP A 190 -0.90 -0.30 33.61
C ASP A 190 -0.82 -1.82 33.58
N THR A 191 -1.96 -2.51 33.49
CA THR A 191 -2.02 -3.96 33.50
C THR A 191 -2.48 -4.45 32.13
N LEU A 192 -1.82 -5.48 31.61
CA LEU A 192 -2.21 -6.08 30.34
C LEU A 192 -2.90 -7.42 30.58
N TYR A 193 -3.84 -7.75 29.69
CA TYR A 193 -4.55 -9.03 29.72
C TYR A 193 -4.48 -9.67 28.34
N PHE A 194 -3.96 -10.91 28.28
CA PHE A 194 -3.85 -11.66 27.03
C PHE A 194 -4.81 -12.84 27.02
N PRO A 195 -5.52 -13.09 25.91
CA PRO A 195 -6.31 -14.33 25.82
C PRO A 195 -5.39 -15.52 26.00
N ALA A 196 -5.88 -16.52 26.76
CA ALA A 196 -5.00 -17.61 27.21
C ALA A 196 -5.80 -18.91 27.37
N VAL A 197 -5.09 -20.00 27.66
CA VAL A 197 -5.73 -21.29 27.90
C VAL A 197 -4.96 -22.02 28.99
N GLY A 198 -5.68 -22.77 29.81
CA GLY A 198 -5.06 -23.61 30.85
C GLY A 198 -5.27 -25.09 30.57
N PHE A 199 -4.21 -25.89 30.85
CA PHE A 199 -4.26 -27.33 30.72
C PHE A 199 -4.54 -27.93 32.12
N LEU A 200 -5.70 -28.56 32.28
CA LEU A 200 -6.09 -29.16 33.55
C LEU A 200 -6.32 -30.67 33.39
N PRO A 201 -5.67 -31.49 34.19
CA PRO A 201 -5.90 -32.94 34.06
C PRO A 201 -7.37 -33.26 34.18
N ARG A 202 -7.83 -34.11 33.25
CA ARG A 202 -9.22 -34.54 33.24
C ARG A 202 -9.65 -35.09 34.61
N THR A 203 -8.72 -35.77 35.31
CA THR A 203 -9.02 -36.33 36.63
C THR A 203 -9.32 -35.26 37.67
N GLU A 204 -8.89 -34.02 37.47
CA GLU A 204 -9.19 -32.94 38.38
C GLU A 204 -10.33 -32.03 37.91
N PHE A 205 -10.88 -32.26 36.73
CA PHE A 205 -11.95 -31.41 36.21
C PHE A 205 -13.26 -31.76 36.92
N GLN A 206 -13.87 -30.80 37.60
CA GLN A 206 -15.14 -31.03 38.27
C GLN A 206 -16.24 -30.56 37.33
N TYR A 207 -17.12 -31.47 36.93
CA TYR A 207 -18.23 -31.14 36.05
C TYR A 207 -19.39 -32.05 36.37
N ASN A 208 -20.58 -31.48 36.54
CA ASN A 208 -21.79 -32.28 36.71
C ASN A 208 -22.44 -32.48 35.34
N ASP A 209 -22.43 -33.73 34.84
CA ASP A 209 -23.03 -34.06 33.55
C ASP A 209 -24.49 -33.64 33.45
N SER A 210 -25.17 -33.46 34.59
CA SER A 210 -26.55 -33.01 34.55
C SER A 210 -26.66 -31.56 34.09
N ASN A 211 -25.54 -30.82 34.07
CA ASN A 211 -25.55 -29.47 33.54
C ASN A 211 -25.42 -29.42 32.02
N CYS A 212 -25.17 -30.56 31.38
CA CYS A 212 -24.96 -30.59 29.94
C CYS A 212 -26.33 -30.52 29.27
N PRO A 213 -26.61 -29.47 28.45
CA PRO A 213 -28.00 -29.27 27.98
C PRO A 213 -28.34 -30.20 26.83
N ILE A 214 -29.07 -31.27 27.11
CA ILE A 214 -29.39 -32.26 26.09
C ILE A 214 -30.87 -32.29 25.78
N ILE A 215 -31.66 -31.41 26.38
CA ILE A 215 -33.08 -31.34 26.05
C ILE A 215 -33.23 -30.94 24.59
N HIS A 216 -34.19 -31.56 23.90
CA HIS A 216 -34.45 -31.33 22.47
C HIS A 216 -33.24 -31.67 21.59
N CYS A 217 -32.36 -32.57 22.06
CA CYS A 217 -31.16 -33.02 21.36
C CYS A 217 -31.17 -34.55 21.35
N LYS A 218 -31.68 -35.21 20.27
CA LYS A 218 -31.97 -36.66 20.42
C LYS A 218 -30.70 -37.43 20.63
N TYR A 219 -29.67 -37.08 19.86
CA TYR A 219 -28.47 -37.85 19.68
C TYR A 219 -27.41 -37.53 20.70
N SER A 220 -27.78 -36.78 21.71
CA SER A 220 -26.83 -36.30 22.71
C SER A 220 -26.95 -37.15 23.96
N LYS A 221 -25.80 -37.51 24.52
CA LYS A 221 -25.71 -38.12 25.84
C LYS A 221 -25.23 -37.08 26.85
N ALA A 222 -25.60 -37.28 28.12
CA ALA A 222 -25.29 -36.27 29.13
C ALA A 222 -23.78 -36.07 29.31
N GLU A 223 -22.98 -37.09 28.99
CA GLU A 223 -21.52 -37.01 29.14
C GLU A 223 -20.84 -36.16 28.07
N ASN A 224 -21.58 -35.70 27.06
CA ASN A 224 -20.94 -35.16 25.88
C ASN A 224 -20.22 -33.84 26.17
N CYS A 225 -20.73 -33.01 27.09
CA CYS A 225 -20.08 -31.74 27.32
C CYS A 225 -18.72 -31.92 27.98
N ARG A 226 -18.65 -32.78 28.99
CA ARG A 226 -17.41 -33.03 29.72
C ARG A 226 -16.38 -33.73 28.83
N LEU A 227 -16.84 -34.67 28.00
CA LEU A 227 -15.92 -35.37 27.10
C LEU A 227 -15.33 -34.41 26.07
N SER A 228 -16.14 -33.45 25.59
CA SER A 228 -15.69 -32.51 24.56
C SER A 228 -14.93 -31.30 25.13
N MET A 229 -14.62 -31.27 26.42
CA MET A 229 -13.75 -30.24 26.99
C MET A 229 -12.27 -30.53 26.77
N GLY A 230 -11.94 -31.70 26.20
CA GLY A 230 -10.60 -32.00 25.77
C GLY A 230 -10.60 -32.30 24.27
N VAL A 231 -9.39 -32.40 23.70
CA VAL A 231 -9.26 -32.51 22.26
C VAL A 231 -9.76 -33.86 21.75
N ASN A 232 -9.86 -34.85 22.63
CA ASN A 232 -10.64 -36.05 22.33
C ASN A 232 -11.18 -36.58 23.65
N SER A 233 -12.08 -37.56 23.56
CA SER A 233 -12.84 -38.00 24.73
C SER A 233 -11.95 -38.52 25.86
N LYS A 234 -10.77 -39.04 25.55
CA LYS A 234 -9.90 -39.56 26.60
C LYS A 234 -8.60 -38.78 26.75
N SER A 235 -8.58 -37.53 26.28
CA SER A 235 -7.42 -36.66 26.46
C SER A 235 -7.00 -36.61 27.92
N HIS A 236 -5.69 -36.59 28.14
CA HIS A 236 -5.19 -36.42 29.50
C HIS A 236 -5.61 -35.08 30.09
N TYR A 237 -5.74 -34.05 29.27
CA TYR A 237 -6.10 -32.71 29.72
C TYR A 237 -7.43 -32.28 29.14
N ILE A 238 -8.13 -31.44 29.87
CA ILE A 238 -9.15 -30.58 29.30
C ILE A 238 -8.51 -29.21 29.14
N LEU A 239 -9.08 -28.39 28.26
CA LEU A 239 -8.61 -27.02 27.99
C LEU A 239 -9.64 -26.01 28.45
N ARG A 240 -9.18 -24.95 29.14
CA ARG A 240 -10.06 -23.92 29.65
C ARG A 240 -9.56 -22.54 29.21
N SER A 241 -10.40 -21.78 28.51
CA SER A 241 -9.95 -20.47 28.10
C SER A 241 -9.85 -19.54 29.30
N GLY A 242 -9.19 -18.39 29.09
CA GLY A 242 -9.03 -17.41 30.15
C GLY A 242 -8.14 -16.24 29.75
N LEU A 243 -7.50 -15.60 30.71
CA LEU A 243 -6.59 -14.49 30.47
C LEU A 243 -5.30 -14.74 31.23
N LEU A 244 -4.20 -14.19 30.71
CA LEU A 244 -2.94 -14.10 31.43
C LEU A 244 -2.69 -12.63 31.77
N LYS A 245 -2.55 -12.34 33.05
CA LYS A 245 -2.46 -10.97 33.53
C LYS A 245 -1.01 -10.61 33.77
N TYR A 246 -0.64 -9.42 33.27
CA TYR A 246 0.72 -8.89 33.41
C TYR A 246 0.60 -7.44 33.88
N ASN A 247 0.98 -7.20 35.13
CA ASN A 247 0.90 -5.87 35.72
C ASN A 247 2.26 -5.18 35.56
N LEU A 248 2.33 -4.19 34.69
CA LEU A 248 3.58 -3.49 34.43
C LEU A 248 4.07 -2.66 35.62
N SER A 249 3.19 -2.36 36.59
CA SER A 249 3.59 -1.53 37.72
C SER A 249 4.45 -2.29 38.73
N LEU A 250 4.30 -3.60 38.82
CA LEU A 250 5.09 -4.38 39.77
C LEU A 250 6.57 -4.30 39.42
N GLY A 251 7.41 -4.24 40.45
CA GLY A 251 8.83 -4.28 40.22
C GLY A 251 9.37 -5.68 40.07
N GLY A 252 10.53 -5.76 39.41
CA GLY A 252 11.32 -6.98 39.35
C GLY A 252 10.95 -8.10 38.41
N ASP A 253 11.09 -9.32 38.92
CA ASP A 253 10.79 -10.53 38.19
C ASP A 253 9.35 -10.53 37.69
N ILE A 254 9.18 -10.58 36.37
CA ILE A 254 7.85 -10.55 35.77
C ILE A 254 7.03 -11.71 36.27
N ILE A 255 5.80 -11.43 36.72
CA ILE A 255 4.84 -12.46 37.10
C ILE A 255 3.64 -12.37 36.16
N LEU A 256 3.23 -13.51 35.60
CA LEU A 256 1.97 -13.64 34.89
C LEU A 256 0.99 -14.46 35.72
N GLN A 257 -0.28 -14.11 35.67
CA GLN A 257 -1.27 -14.82 36.46
C GLN A 257 -2.41 -15.27 35.56
N PHE A 258 -2.76 -16.56 35.63
CA PHE A 258 -3.85 -17.08 34.82
C PHE A 258 -5.19 -16.83 35.51
N ILE A 259 -6.16 -16.38 34.73
CA ILE A 259 -7.52 -16.09 35.18
C ILE A 259 -8.45 -16.91 34.29
N GLU A 260 -9.10 -17.92 34.84
CA GLU A 260 -9.96 -18.77 34.04
C GLU A 260 -11.29 -18.09 33.73
N ILE A 261 -11.85 -18.43 32.56
CA ILE A 261 -13.19 -17.95 32.20
C ILE A 261 -14.25 -18.67 33.02
N ALA A 262 -15.32 -17.95 33.35
CA ALA A 262 -16.42 -18.54 34.11
C ALA A 262 -17.11 -19.63 33.30
N ASP A 263 -17.82 -20.51 34.02
CA ASP A 263 -18.38 -21.70 33.38
C ASP A 263 -19.74 -21.48 32.72
N ASN A 264 -20.25 -20.25 32.64
CA ASN A 264 -21.47 -20.03 31.86
C ASN A 264 -21.20 -20.20 30.36
N ARG A 265 -22.02 -21.02 29.72
CA ARG A 265 -21.85 -21.41 28.32
C ARG A 265 -20.43 -21.89 28.05
N LEU A 266 -19.93 -22.75 28.93
CA LEU A 266 -18.58 -23.27 28.81
C LEU A 266 -18.45 -24.13 27.55
N THR A 267 -17.36 -23.93 26.82
CA THR A 267 -16.92 -24.80 25.73
C THR A 267 -15.41 -24.94 25.83
N ILE A 268 -14.86 -25.86 25.04
CA ILE A 268 -13.44 -26.16 25.14
C ILE A 268 -12.61 -24.90 24.92
N GLY A 269 -11.55 -24.76 25.73
CA GLY A 269 -10.55 -23.72 25.55
C GLY A 269 -10.13 -23.62 24.09
N SER A 270 -10.12 -22.40 23.56
CA SER A 270 -9.96 -22.16 22.14
C SER A 270 -9.41 -20.76 21.96
N PRO A 271 -8.83 -20.45 20.79
CA PRO A 271 -8.32 -19.08 20.57
C PRO A 271 -9.44 -18.07 20.77
N SER A 272 -9.11 -17.00 21.49
CA SER A 272 -10.07 -16.00 21.91
C SER A 272 -9.45 -14.62 21.71
N LYS A 273 -10.26 -13.58 21.93
CA LYS A 273 -9.63 -12.28 22.03
C LYS A 273 -10.49 -11.38 22.90
N ILE A 274 -9.83 -10.44 23.56
CA ILE A 274 -10.51 -9.45 24.36
C ILE A 274 -10.09 -8.08 23.85
N TYR A 275 -11.05 -7.17 23.71
CA TYR A 275 -10.77 -5.87 23.12
C TYR A 275 -11.72 -4.85 23.73
N ASN A 276 -11.32 -3.58 23.67
CA ASN A 276 -12.16 -2.49 24.12
C ASN A 276 -12.86 -1.85 22.92
N SER A 277 -14.17 -1.64 23.03
CA SER A 277 -14.89 -0.90 22.01
C SER A 277 -15.95 -0.03 22.67
N LEU A 278 -15.95 1.26 22.32
CA LEU A 278 -16.95 2.19 22.82
C LEU A 278 -17.00 2.17 24.35
N GLY A 279 -15.83 2.08 24.97
CA GLY A 279 -15.72 2.24 26.39
C GLY A 279 -15.74 0.97 27.22
N GLN A 280 -15.85 -0.21 26.61
CA GLN A 280 -15.95 -1.39 27.45
C GLN A 280 -15.34 -2.62 26.80
N PRO A 281 -14.85 -3.58 27.61
CA PRO A 281 -14.21 -4.77 27.04
C PRO A 281 -15.26 -5.72 26.48
N VAL A 282 -14.91 -6.38 25.39
CA VAL A 282 -15.71 -7.37 24.70
C VAL A 282 -14.82 -8.58 24.51
N PHE A 283 -15.43 -9.76 24.53
CA PHE A 283 -14.72 -11.03 24.42
C PHE A 283 -15.26 -11.81 23.24
N TYR A 284 -14.37 -12.47 22.49
CA TYR A 284 -14.78 -13.43 21.47
C TYR A 284 -14.06 -14.74 21.74
N GLN A 285 -14.77 -15.87 21.66
CA GLN A 285 -14.16 -17.18 21.86
C GLN A 285 -14.49 -18.06 20.65
N ALA A 286 -13.47 -18.60 19.98
CA ALA A 286 -13.76 -19.46 18.84
C ALA A 286 -14.56 -20.68 19.28
N SER A 287 -15.52 -21.10 18.45
CA SER A 287 -16.36 -22.28 18.72
C SER A 287 -15.66 -23.54 18.18
N TYR A 288 -14.91 -24.24 19.04
CA TYR A 288 -14.17 -25.42 18.61
C TYR A 288 -14.84 -26.75 18.99
N SER A 289 -16.13 -26.74 19.29
CA SER A 289 -16.86 -27.94 19.68
C SER A 289 -18.32 -27.86 19.21
N TRP A 290 -19.22 -28.52 19.94
CA TRP A 290 -20.62 -28.68 19.57
C TRP A 290 -21.47 -27.41 19.63
N ASP A 291 -21.06 -26.40 20.41
CA ASP A 291 -21.83 -25.15 20.56
C ASP A 291 -21.31 -24.18 19.49
N THR A 292 -21.90 -24.26 18.29
CA THR A 292 -21.29 -23.67 17.10
C THR A 292 -21.77 -22.25 16.75
N MET A 293 -22.78 -21.70 17.42
CA MET A 293 -23.15 -20.31 17.19
C MET A 293 -22.10 -19.38 17.82
N ILE A 294 -21.95 -18.17 17.26
CA ILE A 294 -20.84 -17.33 17.64
C ILE A 294 -20.88 -17.04 19.15
N LYS A 295 -19.72 -17.08 19.78
CA LYS A 295 -19.57 -16.80 21.22
C LYS A 295 -18.88 -15.46 21.36
N LEU A 296 -19.65 -14.42 21.66
CA LEU A 296 -19.08 -13.10 21.89
C LEU A 296 -19.98 -12.35 22.87
N GLY A 297 -19.40 -11.36 23.55
CA GLY A 297 -20.23 -10.56 24.42
C GLY A 297 -19.41 -9.58 25.26
N ASP A 298 -20.16 -8.67 25.88
CA ASP A 298 -19.59 -7.74 26.84
C ASP A 298 -18.94 -8.53 27.96
N VAL A 299 -17.74 -8.10 28.36
CA VAL A 299 -17.11 -8.66 29.54
C VAL A 299 -17.75 -7.99 30.75
N ASP A 300 -18.39 -8.80 31.62
CA ASP A 300 -18.94 -8.27 32.86
C ASP A 300 -17.83 -7.86 33.81
N THR A 301 -16.90 -8.77 34.07
CA THR A 301 -15.74 -8.55 34.92
C THR A 301 -14.53 -9.19 34.26
N VAL A 302 -13.38 -8.53 34.38
CA VAL A 302 -12.14 -9.02 33.78
C VAL A 302 -11.46 -10.03 34.69
N ASP A 303 -11.48 -9.78 36.00
CA ASP A 303 -10.85 -10.66 36.98
C ASP A 303 -11.69 -10.66 38.24
N PRO A 304 -12.48 -11.72 38.49
CA PRO A 304 -12.63 -12.96 37.71
C PRO A 304 -13.32 -12.74 36.35
N LEU A 305 -13.00 -13.58 35.36
CA LEU A 305 -13.47 -13.36 34.01
C LEU A 305 -14.87 -13.94 33.83
N ARG A 306 -15.84 -13.07 33.50
CA ARG A 306 -17.19 -13.51 33.17
C ARG A 306 -17.70 -12.72 31.96
N VAL A 307 -18.18 -13.43 30.94
CA VAL A 307 -18.60 -12.83 29.67
C VAL A 307 -20.11 -12.96 29.56
N GLN A 308 -20.77 -11.89 29.17
CA GLN A 308 -22.22 -11.94 28.95
C GLN A 308 -22.45 -12.29 27.49
N TRP A 309 -22.43 -13.59 27.18
CA TRP A 309 -22.50 -14.06 25.80
C TRP A 309 -23.79 -13.62 25.13
N ARG A 310 -23.67 -13.15 23.88
CA ARG A 310 -24.84 -12.83 23.08
C ARG A 310 -25.65 -14.08 22.77
N ASN A 311 -26.96 -13.90 22.69
CA ASN A 311 -27.84 -14.93 22.12
C ASN A 311 -27.96 -14.69 20.63
N ASN A 312 -26.86 -14.93 19.94
CA ASN A 312 -26.79 -14.70 18.51
C ASN A 312 -27.24 -15.96 17.79
N SER A 313 -28.21 -15.80 16.90
CA SER A 313 -28.83 -16.92 16.21
C SER A 313 -28.54 -16.95 14.72
N VAL A 314 -27.60 -16.14 14.23
CA VAL A 314 -27.38 -16.05 12.79
C VAL A 314 -25.93 -16.26 12.36
N ILE A 315 -24.92 -16.14 13.21
CA ILE A 315 -23.54 -16.34 12.80
C ILE A 315 -23.02 -17.61 13.45
N SER A 316 -22.41 -18.48 12.65
CA SER A 316 -21.86 -19.75 13.10
C SER A 316 -20.51 -19.93 12.40
N ARG A 317 -20.00 -21.17 12.38
CA ARG A 317 -18.76 -21.45 11.67
C ARG A 317 -18.82 -22.85 11.09
N PRO A 318 -18.08 -23.13 10.02
CA PRO A 318 -18.08 -24.49 9.48
C PRO A 318 -17.40 -25.46 10.44
N GLY A 319 -17.88 -26.71 10.40
CA GLY A 319 -17.33 -27.85 11.14
C GLY A 319 -17.40 -29.09 10.28
N GLN A 320 -17.23 -30.29 10.88
CA GLN A 320 -17.49 -31.54 10.17
C GLN A 320 -18.87 -32.04 10.60
N SER A 321 -19.28 -33.26 10.19
CA SER A 321 -20.68 -33.56 10.37
C SER A 321 -21.06 -33.72 11.83
N GLN A 322 -20.12 -34.00 12.73
CA GLN A 322 -20.53 -34.20 14.11
C GLN A 322 -20.99 -32.86 14.69
N CYS A 323 -20.24 -31.80 14.38
CA CYS A 323 -20.57 -30.44 14.80
C CYS A 323 -20.44 -29.51 13.60
N PRO A 324 -21.36 -29.60 12.64
CA PRO A 324 -21.28 -28.69 11.50
C PRO A 324 -21.88 -27.34 11.88
N ARG A 325 -21.85 -26.43 10.90
CA ARG A 325 -22.42 -25.11 11.10
C ARG A 325 -23.87 -25.23 11.56
N PHE A 326 -24.23 -24.38 12.52
CA PHE A 326 -25.53 -24.28 13.18
C PHE A 326 -25.84 -25.41 14.16
N ASN A 327 -24.92 -26.36 14.37
CA ASN A 327 -25.12 -27.34 15.43
C ASN A 327 -25.22 -26.67 16.79
N VAL A 328 -26.15 -27.14 17.62
CA VAL A 328 -26.36 -26.62 18.96
C VAL A 328 -26.43 -27.73 20.00
N CYS A 329 -26.32 -29.01 19.61
CA CYS A 329 -26.56 -30.09 20.56
C CYS A 329 -25.24 -30.72 20.99
N PRO A 330 -25.07 -31.03 22.28
CA PRO A 330 -23.76 -31.50 22.76
C PRO A 330 -23.33 -32.77 22.03
N GLU A 331 -22.12 -32.73 21.47
CA GLU A 331 -21.50 -33.88 20.84
C GLU A 331 -20.02 -33.88 21.21
N VAL A 332 -19.38 -35.04 21.03
CA VAL A 332 -17.95 -35.16 21.30
C VAL A 332 -17.20 -34.83 20.01
N CYS A 333 -16.70 -33.59 19.92
CA CYS A 333 -16.04 -33.14 18.70
C CYS A 333 -15.06 -32.03 19.05
N TRP A 334 -14.02 -31.90 18.23
CA TRP A 334 -13.04 -30.80 18.38
C TRP A 334 -12.77 -30.28 16.98
N GLU A 335 -13.53 -29.27 16.57
CA GLU A 335 -13.43 -28.84 15.19
C GLU A 335 -14.05 -27.45 15.07
N GLY A 336 -13.72 -26.76 13.99
CA GLY A 336 -14.20 -25.42 13.75
C GLY A 336 -13.06 -24.48 13.43
N THR A 337 -13.41 -23.20 13.28
CA THR A 337 -12.48 -22.16 12.88
C THR A 337 -12.62 -20.93 13.78
N TYR A 338 -11.56 -20.14 13.82
CA TYR A 338 -11.55 -18.84 14.48
C TYR A 338 -12.00 -17.78 13.48
N ASN A 339 -13.13 -17.12 13.75
CA ASN A 339 -13.65 -16.03 12.91
C ASN A 339 -14.28 -15.00 13.84
N ASP A 340 -13.51 -14.01 14.26
CA ASP A 340 -13.98 -13.14 15.32
C ASP A 340 -14.85 -12.02 14.75
N ALA A 341 -15.37 -11.17 15.65
CA ALA A 341 -16.21 -10.03 15.27
C ALA A 341 -15.97 -8.91 16.28
N PHE A 342 -16.20 -7.68 15.84
CA PHE A 342 -15.81 -6.49 16.58
C PHE A 342 -17.03 -5.60 16.74
N LEU A 343 -17.42 -5.36 17.99
CA LEU A 343 -18.57 -4.50 18.28
C LEU A 343 -18.35 -3.08 17.76
N ILE A 344 -19.28 -2.59 16.95
CA ILE A 344 -19.17 -1.24 16.41
C ILE A 344 -20.36 -0.35 16.77
N ASP A 345 -21.36 -0.87 17.48
CA ASP A 345 -22.49 -0.04 17.90
C ASP A 345 -23.07 -0.69 19.14
N ARG A 346 -22.86 -0.07 20.31
CA ARG A 346 -23.25 -0.67 21.57
C ARG A 346 -24.76 -0.61 21.78
N LEU A 347 -25.40 0.51 21.43
CA LEU A 347 -26.84 0.68 21.68
C LEU A 347 -27.65 -0.44 21.04
N ASN A 348 -27.33 -0.76 19.79
CA ASN A 348 -28.02 -1.80 19.06
C ASN A 348 -27.23 -3.10 18.99
N TRP A 349 -26.08 -3.16 19.68
CA TRP A 349 -25.20 -4.33 19.69
C TRP A 349 -24.97 -4.89 18.28
N VAL A 350 -24.38 -4.04 17.45
CA VAL A 350 -24.01 -4.35 16.08
C VAL A 350 -22.51 -4.65 16.03
N SER A 351 -22.14 -5.71 15.31
CA SER A 351 -20.75 -6.13 15.21
C SER A 351 -20.39 -6.32 13.74
N ALA A 352 -19.09 -6.34 13.46
CA ALA A 352 -18.56 -6.53 12.13
C ALA A 352 -17.49 -7.61 12.18
N GLY A 353 -17.53 -8.50 11.21
CA GLY A 353 -16.56 -9.58 11.17
C GLY A 353 -16.74 -10.39 9.91
N VAL A 354 -15.80 -11.30 9.69
CA VAL A 354 -15.82 -12.14 8.50
C VAL A 354 -16.19 -13.56 8.92
N TYR A 355 -17.25 -14.10 8.32
CA TYR A 355 -17.62 -15.48 8.55
C TYR A 355 -17.44 -16.30 7.28
N LEU A 356 -17.34 -17.62 7.43
CA LEU A 356 -17.15 -18.55 6.31
C LEU A 356 -18.51 -19.14 5.95
N ASN A 357 -19.04 -18.76 4.78
CA ASN A 357 -20.40 -19.11 4.40
C ASN A 357 -20.43 -20.51 3.79
N SER A 358 -20.34 -21.49 4.68
CA SER A 358 -20.37 -22.88 4.28
C SER A 358 -20.56 -23.71 5.53
N ASN A 359 -21.20 -24.88 5.36
CA ASN A 359 -21.56 -25.70 6.51
C ASN A 359 -20.40 -26.58 6.96
N GLN A 360 -19.64 -27.13 6.01
CA GLN A 360 -18.61 -28.09 6.35
C GLN A 360 -17.30 -27.86 5.61
N THR A 361 -17.14 -26.72 4.95
CA THR A 361 -15.91 -26.41 4.25
C THR A 361 -15.40 -25.03 4.64
N ALA A 362 -14.10 -24.93 4.85
CA ALA A 362 -13.44 -23.66 5.15
C ALA A 362 -13.31 -22.90 3.84
N GLU A 363 -14.35 -22.12 3.52
CA GLU A 363 -14.42 -21.39 2.26
C GLU A 363 -15.46 -20.28 2.38
N ASN A 364 -15.52 -19.44 1.33
CA ASN A 364 -16.48 -18.36 1.10
C ASN A 364 -16.41 -17.31 2.21
N PRO A 365 -15.31 -16.57 2.34
CA PRO A 365 -15.28 -15.49 3.34
C PRO A 365 -16.27 -14.39 2.98
N VAL A 366 -17.11 -14.04 3.94
CA VAL A 366 -18.13 -13.00 3.80
C VAL A 366 -17.97 -12.00 4.94
N PHE A 367 -17.79 -10.72 4.59
CA PHE A 367 -17.75 -9.66 5.60
C PHE A 367 -19.18 -9.22 5.91
N ALA A 368 -19.57 -9.32 7.19
CA ALA A 368 -20.94 -9.05 7.59
C ALA A 368 -20.99 -8.05 8.74
N VAL A 369 -22.05 -7.25 8.72
CA VAL A 369 -22.45 -6.38 9.83
C VAL A 369 -23.76 -6.95 10.37
N PHE A 370 -23.77 -7.33 11.66
CA PHE A 370 -24.88 -8.14 12.16
C PHE A 370 -25.27 -7.77 13.58
N LYS A 371 -26.54 -8.04 13.88
CA LYS A 371 -27.10 -8.02 15.22
C LYS A 371 -27.32 -9.46 15.68
N ASP A 372 -27.83 -9.60 16.91
CA ASP A 372 -28.00 -10.91 17.53
C ASP A 372 -28.78 -11.84 16.62
N ASN A 373 -29.88 -11.36 16.03
CA ASN A 373 -30.82 -12.20 15.31
C ASN A 373 -31.00 -11.79 13.86
N GLU A 374 -30.04 -11.06 13.29
CA GLU A 374 -30.21 -10.47 11.96
C GLU A 374 -28.86 -10.02 11.37
N ILE A 375 -28.53 -10.50 10.19
CA ILE A 375 -27.44 -9.90 9.42
C ILE A 375 -28.01 -8.67 8.73
N LEU A 376 -27.41 -7.50 8.98
CA LEU A 376 -27.93 -6.27 8.38
C LEU A 376 -27.48 -6.13 6.94
N TYR A 377 -26.18 -6.22 6.69
CA TYR A 377 -25.67 -6.20 5.33
C TYR A 377 -24.34 -6.93 5.34
N GLN A 378 -23.92 -7.36 4.15
CA GLN A 378 -22.73 -8.19 4.02
C GLN A 378 -22.23 -8.08 2.58
N VAL A 379 -21.03 -8.61 2.36
CA VAL A 379 -20.42 -8.62 1.03
C VAL A 379 -19.42 -9.76 0.99
N PRO A 380 -19.39 -10.57 -0.07
CA PRO A 380 -18.33 -11.59 -0.15
C PRO A 380 -16.99 -10.93 -0.35
N LEU A 381 -15.95 -11.54 0.22
CA LEU A 381 -14.58 -11.05 0.06
C LEU A 381 -13.83 -11.79 -1.04
N ALA A 382 -14.42 -12.84 -1.60
CA ALA A 382 -13.79 -13.62 -2.65
C ALA A 382 -14.86 -14.33 -3.46
N GLU A 383 -14.47 -14.82 -4.64
CA GLU A 383 -15.27 -15.73 -5.45
C GLU A 383 -15.77 -16.91 -4.61
N ASP A 384 -16.88 -17.51 -5.01
CA ASP A 384 -17.38 -18.61 -4.20
C ASP A 384 -16.48 -19.83 -4.39
N ASP A 385 -16.50 -20.71 -3.39
CA ASP A 385 -15.57 -21.82 -3.26
C ASP A 385 -14.10 -21.37 -3.19
N THR A 386 -13.83 -20.11 -2.86
CA THR A 386 -12.48 -19.74 -2.42
C THR A 386 -12.27 -20.24 -0.99
N ASN A 387 -11.25 -21.08 -0.81
CA ASN A 387 -10.95 -21.58 0.53
C ASN A 387 -10.30 -20.49 1.37
N ALA A 388 -10.75 -20.41 2.62
CA ALA A 388 -10.34 -19.38 3.56
C ALA A 388 -10.55 -19.94 4.96
N GLN A 389 -9.66 -19.61 5.91
CA GLN A 389 -9.95 -20.16 7.22
C GLN A 389 -10.05 -19.14 8.35
N LYS A 390 -8.92 -18.71 8.90
CA LYS A 390 -8.95 -17.86 10.08
C LYS A 390 -9.17 -16.41 9.67
N THR A 391 -10.05 -15.71 10.39
CA THR A 391 -10.26 -14.29 10.14
C THR A 391 -10.21 -13.51 11.44
N ILE A 392 -9.59 -12.32 11.37
CA ILE A 392 -9.37 -11.41 12.50
C ILE A 392 -9.83 -10.02 12.05
N THR A 393 -10.84 -9.46 12.72
CA THR A 393 -11.38 -8.15 12.36
C THR A 393 -11.19 -7.16 13.50
N ASP A 394 -10.56 -6.03 13.22
CA ASP A 394 -10.40 -4.98 14.22
C ASP A 394 -10.88 -3.66 13.64
N CYS A 395 -11.72 -2.93 14.37
CA CYS A 395 -12.27 -1.67 13.88
C CYS A 395 -11.85 -0.49 14.75
N PHE A 396 -11.87 0.69 14.14
CA PHE A 396 -11.29 1.91 14.70
C PHE A 396 -11.93 3.10 13.98
N LEU A 397 -11.45 4.30 14.31
CA LEU A 397 -11.95 5.53 13.72
C LEU A 397 -10.87 6.19 12.89
N LEU A 398 -11.25 6.64 11.70
CA LEU A 398 -10.44 7.52 10.88
C LEU A 398 -11.26 8.80 10.69
N GLU A 399 -10.82 9.88 11.33
CA GLU A 399 -11.59 11.12 11.40
C GLU A 399 -13.05 10.83 11.72
N ASN A 400 -13.27 10.10 12.81
CA ASN A 400 -14.57 9.76 13.37
C ASN A 400 -15.42 8.80 12.52
N VAL A 401 -14.88 8.23 11.45
CA VAL A 401 -15.60 7.27 10.62
C VAL A 401 -15.11 5.86 10.97
N ILE A 402 -16.04 4.93 11.17
CA ILE A 402 -15.66 3.57 11.57
C ILE A 402 -15.08 2.84 10.37
N TRP A 403 -13.84 2.37 10.51
CA TRP A 403 -13.20 1.50 9.53
C TRP A 403 -12.85 0.18 10.21
N CYS A 404 -12.82 -0.89 9.44
CA CYS A 404 -12.35 -2.17 9.97
C CYS A 404 -11.25 -2.70 9.08
N ILE A 405 -10.24 -3.32 9.71
CA ILE A 405 -9.26 -4.12 8.99
C ILE A 405 -9.51 -5.58 9.33
N SER A 406 -9.63 -6.40 8.30
CA SER A 406 -9.84 -7.84 8.43
C SER A 406 -8.68 -8.58 7.81
N LEU A 407 -8.04 -9.42 8.62
CA LEU A 407 -7.10 -10.42 8.13
C LEU A 407 -7.86 -11.70 7.81
N VAL A 408 -7.63 -12.24 6.60
CA VAL A 408 -8.27 -13.47 6.14
C VAL A 408 -7.17 -14.41 5.67
N GLU A 409 -7.08 -15.60 6.28
CA GLU A 409 -6.14 -16.63 5.83
C GLU A 409 -6.74 -17.31 4.60
N ILE A 410 -6.16 -17.07 3.44
CA ILE A 410 -6.86 -17.35 2.19
C ILE A 410 -5.95 -18.03 1.18
N TYR A 411 -6.54 -18.82 0.31
CA TYR A 411 -5.82 -19.29 -0.87
C TYR A 411 -5.70 -18.17 -1.89
N ASP A 412 -4.47 -17.83 -2.28
CA ASP A 412 -4.21 -16.82 -3.30
C ASP A 412 -4.11 -17.55 -4.64
N THR A 413 -5.00 -17.20 -5.58
CA THR A 413 -5.04 -17.85 -6.89
C THR A 413 -3.81 -17.53 -7.74
N GLY A 414 -3.62 -16.26 -8.06
CA GLY A 414 -2.48 -15.88 -8.89
C GLY A 414 -1.17 -16.36 -8.29
N ASP A 415 -1.03 -16.20 -6.99
CA ASP A 415 0.15 -16.65 -6.23
C ASP A 415 -0.29 -17.87 -5.46
N SER A 416 -0.07 -19.05 -6.02
CA SER A 416 -0.74 -20.25 -5.53
C SER A 416 -0.23 -20.73 -4.18
N VAL A 417 -0.54 -19.96 -3.13
CA VAL A 417 -0.12 -20.25 -1.77
C VAL A 417 -1.26 -19.87 -0.85
N ILE A 418 -1.26 -20.46 0.33
CA ILE A 418 -2.08 -20.01 1.45
C ILE A 418 -1.35 -18.89 2.16
N ARG A 419 -2.04 -17.78 2.41
CA ARG A 419 -1.42 -16.62 3.04
C ARG A 419 -2.51 -15.72 3.60
N PRO A 420 -2.17 -14.84 4.56
CA PRO A 420 -3.13 -13.84 5.02
C PRO A 420 -3.28 -12.73 3.98
N LYS A 421 -4.51 -12.28 3.79
CA LYS A 421 -4.79 -11.09 3.01
C LYS A 421 -5.48 -10.09 3.92
N LEU A 422 -5.18 -8.81 3.73
CA LEU A 422 -5.65 -7.75 4.63
C LEU A 422 -6.62 -6.87 3.88
N PHE A 423 -7.84 -6.77 4.37
CA PHE A 423 -8.89 -5.96 3.78
C PHE A 423 -9.22 -4.79 4.68
N ALA A 424 -9.41 -3.63 4.07
CA ALA A 424 -9.92 -2.45 4.73
C ALA A 424 -11.36 -2.25 4.29
N VAL A 425 -12.27 -2.03 5.23
CA VAL A 425 -13.70 -1.91 4.93
C VAL A 425 -14.27 -0.75 5.74
N LYS A 426 -14.74 0.27 5.04
CA LYS A 426 -15.45 1.36 5.69
C LYS A 426 -16.88 0.95 5.98
N ILE A 427 -17.38 1.31 7.16
CA ILE A 427 -18.77 1.07 7.51
C ILE A 427 -19.56 2.30 7.06
N PRO A 428 -20.48 2.15 6.11
CA PRO A 428 -21.15 3.33 5.53
C PRO A 428 -22.23 3.89 6.44
N ALA A 429 -22.50 5.17 6.24
CA ALA A 429 -23.57 5.86 6.95
C ALA A 429 -24.94 5.59 6.33
N GLN A 430 -25.02 5.50 5.00
CA GLN A 430 -26.29 5.35 4.31
C GLN A 430 -26.58 3.88 4.01
N CYS A 431 -27.85 3.49 4.13
CA CYS A 431 -28.23 2.11 3.84
C CYS A 431 -28.47 1.86 2.36
N SER A 432 -28.35 2.88 1.52
CA SER A 432 -28.36 2.69 0.08
C SER A 432 -27.01 3.10 -0.46
N GLU A 433 -26.56 2.38 -1.48
CA GLU A 433 -25.25 2.62 -2.02
C GLU A 433 -25.33 3.84 -2.94
N SER A 434 -24.18 4.44 -3.19
CA SER A 434 -24.13 5.58 -4.08
C SER A 434 -24.68 5.22 -5.45
N GLY A 435 -25.62 6.04 -5.94
CA GLY A 435 -26.21 5.84 -7.25
C GLY A 435 -27.29 4.78 -7.33
N ARG A 436 -27.61 4.11 -6.23
CA ARG A 436 -28.63 3.07 -6.24
C ARG A 436 -29.94 3.60 -6.81
N GLY A 437 -30.55 2.84 -7.72
CA GLY A 437 -31.76 3.23 -8.39
C GLY A 437 -31.61 4.34 -9.41
N LEU A 438 -30.42 4.94 -9.54
CA LEU A 438 -30.22 6.05 -10.48
C LEU A 438 -29.59 5.60 -11.81
N VAL A 439 -29.11 4.37 -11.90
CA VAL A 439 -28.62 3.81 -13.16
C VAL A 439 -29.76 3.04 -13.81
N PRO A 440 -30.19 3.40 -15.01
CA PRO A 440 -31.47 2.89 -15.52
C PRO A 440 -31.41 1.43 -15.94
N ARG A 441 -32.57 0.93 -16.33
CA ARG A 441 -32.77 -0.46 -16.74
C ARG A 441 -33.55 -0.47 -18.07
N GLN B 6 12.37 -3.68 -0.03
CA GLN B 6 13.57 -3.18 0.62
C GLN B 6 14.77 -3.81 -0.07
N GLY B 7 14.49 -4.48 -1.18
CA GLY B 7 15.53 -5.02 -2.03
C GLY B 7 15.43 -4.25 -3.33
N VAL B 8 14.97 -3.00 -3.22
CA VAL B 8 14.79 -2.09 -4.34
C VAL B 8 15.90 -1.06 -4.33
N SER B 9 16.59 -0.90 -5.45
CA SER B 9 17.70 0.04 -5.50
C SER B 9 17.83 0.60 -6.91
N ASP B 10 18.78 1.52 -7.08
CA ASP B 10 18.98 2.21 -8.33
C ASP B 10 19.50 1.27 -9.43
N LEU B 11 19.14 1.58 -10.68
CA LEU B 11 19.65 0.82 -11.82
C LEU B 11 21.11 1.20 -11.98
N VAL B 12 22.00 0.36 -11.44
CA VAL B 12 23.40 0.69 -11.31
C VAL B 12 24.15 -0.64 -11.24
N GLY B 13 25.44 -0.60 -11.52
CA GLY B 13 26.26 -1.79 -11.39
C GLY B 13 26.11 -2.71 -12.60
N LEU B 14 25.91 -3.99 -12.33
CA LEU B 14 25.80 -5.03 -13.34
C LEU B 14 24.49 -5.79 -13.12
N PRO B 15 23.40 -5.35 -13.73
CA PRO B 15 22.11 -6.01 -13.51
C PRO B 15 22.10 -7.41 -14.12
N ASN B 16 21.11 -8.19 -13.72
CA ASN B 16 20.85 -9.46 -14.37
C ASN B 16 20.59 -9.23 -15.86
N GLN B 17 20.82 -10.28 -16.64
CA GLN B 17 20.67 -10.20 -18.08
C GLN B 17 19.23 -9.88 -18.47
N ILE B 18 19.07 -9.23 -19.61
CA ILE B 18 17.76 -9.00 -20.19
C ILE B 18 17.75 -9.56 -21.62
N CYS B 19 16.55 -9.80 -22.13
CA CYS B 19 16.42 -10.24 -23.52
C CYS B 19 16.84 -9.11 -24.45
N LEU B 20 17.79 -9.39 -25.32
CA LEU B 20 18.34 -8.37 -26.21
C LEU B 20 18.05 -8.68 -27.68
N GLN B 21 17.03 -9.46 -27.97
CA GLN B 21 16.70 -9.81 -29.35
C GLN B 21 15.28 -9.36 -29.67
N LYS B 22 15.06 -9.08 -30.95
CA LYS B 22 13.73 -8.72 -31.40
C LYS B 22 12.84 -9.95 -31.36
N THR B 23 11.64 -9.81 -30.81
CA THR B 23 10.70 -10.92 -30.83
C THR B 23 9.29 -10.37 -30.77
N THR B 24 8.37 -11.03 -31.48
CA THR B 24 6.95 -10.74 -31.39
C THR B 24 6.28 -11.48 -30.25
N SER B 25 6.97 -12.42 -29.61
CA SER B 25 6.44 -13.09 -28.43
C SER B 25 6.10 -12.06 -27.35
N THR B 26 5.05 -12.34 -26.59
CA THR B 26 4.60 -11.43 -25.54
C THR B 26 5.29 -11.79 -24.23
N ILE B 27 6.56 -11.39 -24.13
CA ILE B 27 7.32 -11.72 -22.92
C ILE B 27 7.15 -10.70 -21.80
N LEU B 28 6.62 -9.52 -22.08
CA LEU B 28 6.36 -8.52 -21.07
C LEU B 28 4.99 -8.73 -20.44
N LYS B 29 4.92 -8.65 -19.11
CA LYS B 29 3.69 -8.92 -18.35
C LYS B 29 3.41 -7.82 -17.34
N PRO B 30 2.73 -6.76 -17.76
CA PRO B 30 2.47 -5.63 -16.86
C PRO B 30 1.54 -5.97 -15.71
N ARG B 31 1.79 -5.33 -14.57
CA ARG B 31 0.94 -5.48 -13.40
C ARG B 31 0.51 -4.10 -12.92
N LEU B 32 -0.78 -3.98 -12.60
CA LEU B 32 -1.35 -2.79 -12.01
C LEU B 32 -0.94 -2.65 -10.55
N ILE B 33 -0.51 -1.44 -10.16
CA ILE B 33 -0.12 -1.19 -8.76
C ILE B 33 -0.67 0.15 -8.27
N SER B 34 -1.64 0.73 -8.96
CA SER B 34 -2.11 2.05 -8.57
C SER B 34 -3.02 2.03 -7.33
N TYR B 35 -3.45 0.86 -6.88
CA TYR B 35 -4.39 0.74 -5.77
C TYR B 35 -3.82 1.17 -4.43
N THR B 36 -2.58 1.64 -4.39
CA THR B 36 -1.98 2.08 -3.13
C THR B 36 -1.92 3.60 -2.98
N LEU B 37 -2.22 4.31 -3.99
CA LEU B 37 -2.17 5.76 -4.01
C LEU B 37 -3.54 6.38 -3.77
N PRO B 38 -3.60 7.61 -3.22
CA PRO B 38 -4.91 8.19 -2.89
C PRO B 38 -5.55 8.79 -4.14
N ILE B 39 -6.08 7.93 -5.01
CA ILE B 39 -6.60 8.33 -6.31
C ILE B 39 -8.10 8.17 -6.26
N ASN B 40 -8.84 9.23 -6.60
CA ASN B 40 -10.21 9.22 -6.13
C ASN B 40 -11.10 8.84 -7.31
N THR B 41 -12.24 8.21 -7.05
CA THR B 41 -13.07 7.53 -8.06
C THR B 41 -14.50 8.04 -8.22
N ARG B 42 -14.70 9.01 -9.13
CA ARG B 42 -16.07 9.45 -9.45
C ARG B 42 -16.13 10.16 -10.81
N GLU B 43 -17.14 9.87 -11.64
CA GLU B 43 -17.02 10.38 -13.02
C GLU B 43 -17.13 11.91 -13.18
N GLY B 44 -17.43 12.65 -12.12
CA GLY B 44 -17.36 14.08 -12.28
C GLY B 44 -15.96 14.67 -12.19
N VAL B 45 -14.99 13.90 -11.72
CA VAL B 45 -13.69 14.40 -11.30
C VAL B 45 -12.61 13.99 -12.30
N CYS B 46 -11.72 14.94 -12.61
CA CYS B 46 -10.53 14.67 -13.42
C CYS B 46 -9.28 14.79 -12.56
N ILE B 47 -8.40 13.79 -12.63
CA ILE B 47 -7.13 13.81 -11.93
C ILE B 47 -6.04 14.02 -12.96
N THR B 48 -5.46 15.22 -12.98
CA THR B 48 -4.54 15.61 -14.04
C THR B 48 -3.20 16.10 -13.48
N ASP B 49 -2.36 16.66 -14.34
CA ASP B 49 -1.01 17.12 -13.97
C ASP B 49 -0.25 16.09 -13.15
N PRO B 50 -0.14 14.85 -13.60
CA PRO B 50 0.54 13.83 -12.81
C PRO B 50 2.06 13.99 -12.84
N LEU B 51 2.69 13.57 -11.76
CA LEU B 51 4.13 13.51 -11.65
C LEU B 51 4.49 12.19 -11.00
N LEU B 52 5.54 11.56 -11.51
CA LEU B 52 6.13 10.42 -10.82
C LEU B 52 7.64 10.58 -10.85
N ALA B 53 8.28 10.26 -9.73
CA ALA B 53 9.73 10.14 -9.66
C ALA B 53 10.05 8.94 -8.79
N VAL B 54 11.14 8.23 -9.12
CA VAL B 54 11.59 7.07 -8.37
C VAL B 54 13.10 7.16 -8.19
N ASP B 55 13.57 6.95 -6.96
CA ASP B 55 14.98 7.06 -6.65
C ASP B 55 15.31 6.29 -5.39
N ASN B 56 16.31 5.40 -5.47
CA ASN B 56 16.91 4.81 -4.28
C ASN B 56 15.85 4.15 -3.39
N GLY B 57 14.87 3.51 -4.02
CA GLY B 57 13.81 2.84 -3.29
C GLY B 57 12.73 3.76 -2.76
N PHE B 58 12.73 5.03 -3.13
CA PHE B 58 11.65 5.93 -2.74
C PHE B 58 11.01 6.49 -4.01
N PHE B 59 9.88 7.17 -3.84
CA PHE B 59 9.21 7.75 -4.98
C PHE B 59 8.59 9.06 -4.58
N ALA B 60 8.32 9.89 -5.58
CA ALA B 60 7.51 11.08 -5.39
C ALA B 60 6.35 11.00 -6.38
N TYR B 61 5.24 11.63 -6.00
CA TYR B 61 4.01 11.57 -6.79
C TYR B 61 3.24 12.87 -6.57
N SER B 62 2.58 13.34 -7.64
CA SER B 62 1.76 14.54 -7.53
C SER B 62 0.63 14.48 -8.53
N HIS B 63 -0.48 15.13 -8.19
CA HIS B 63 -1.55 15.31 -9.15
C HIS B 63 -2.40 16.52 -8.75
N LEU B 64 -3.21 16.98 -9.69
CA LEU B 64 -4.19 18.03 -9.45
C LEU B 64 -5.57 17.45 -9.74
N GLU B 65 -6.41 17.42 -8.72
CA GLU B 65 -7.79 16.99 -8.86
C GLU B 65 -8.66 18.19 -9.21
N LYS B 66 -9.44 18.05 -10.28
CA LYS B 66 -10.33 19.08 -10.78
C LYS B 66 -11.77 18.58 -10.79
N ILE B 67 -12.70 19.49 -10.52
CA ILE B 67 -14.13 19.22 -10.67
C ILE B 67 -14.53 19.66 -12.06
N GLY B 68 -15.09 18.75 -12.85
CA GLY B 68 -15.39 19.00 -14.24
C GLY B 68 -14.31 18.56 -15.21
N SER B 69 -14.05 19.37 -16.24
CA SER B 69 -13.14 19.01 -17.31
C SER B 69 -11.68 19.12 -16.87
N CYS B 70 -10.80 18.41 -17.60
CA CYS B 70 -9.38 18.44 -17.28
C CYS B 70 -8.73 19.76 -17.69
N THR B 71 -9.28 20.41 -18.72
CA THR B 71 -8.74 21.68 -19.19
C THR B 71 -9.27 22.85 -18.40
N ARG B 72 -10.56 22.84 -18.06
CA ARG B 72 -11.22 24.02 -17.53
C ARG B 72 -11.79 23.83 -16.13
N GLY B 73 -11.66 22.64 -15.56
CA GLY B 73 -12.34 22.37 -14.32
C GLY B 73 -11.79 23.20 -13.18
N ILE B 74 -12.51 23.14 -12.08
CA ILE B 74 -12.17 23.90 -10.89
C ILE B 74 -11.21 23.07 -10.06
N ALA B 75 -10.08 23.66 -9.69
CA ALA B 75 -9.10 22.96 -8.88
C ALA B 75 -9.71 22.61 -7.52
N LYS B 76 -9.73 21.32 -7.19
CA LYS B 76 -10.24 20.84 -5.93
C LYS B 76 -9.13 20.53 -4.93
N GLN B 77 -8.10 19.80 -5.36
CA GLN B 77 -7.06 19.38 -4.42
C GLN B 77 -5.76 19.09 -5.17
N ARG B 78 -4.67 19.64 -4.66
CA ARG B 78 -3.32 19.32 -5.12
C ARG B 78 -2.66 18.46 -4.06
N ILE B 79 -2.13 17.30 -4.45
CA ILE B 79 -1.37 16.52 -3.51
C ILE B 79 0.05 16.38 -4.05
N ILE B 80 1.01 16.50 -3.13
CA ILE B 80 2.39 16.11 -3.35
C ILE B 80 2.68 15.07 -2.27
N GLY B 81 3.05 13.87 -2.68
CA GLY B 81 3.29 12.78 -1.74
C GLY B 81 4.55 12.03 -2.09
N VAL B 82 5.19 11.48 -1.04
CA VAL B 82 6.39 10.67 -1.21
C VAL B 82 6.17 9.34 -0.51
N GLY B 83 7.01 8.37 -0.83
CA GLY B 83 6.89 7.08 -0.20
C GLY B 83 8.01 6.15 -0.61
N GLU B 84 7.77 4.86 -0.40
CA GLU B 84 8.77 3.82 -0.66
C GLU B 84 8.31 2.90 -1.78
N VAL B 85 9.27 2.44 -2.57
CA VAL B 85 9.06 1.34 -3.52
C VAL B 85 9.68 0.10 -2.89
N LEU B 86 8.86 -0.92 -2.59
CA LEU B 86 9.34 -2.08 -1.85
C LEU B 86 9.13 -3.40 -2.58
N ASP B 87 9.87 -4.41 -2.11
CA ASP B 87 9.63 -5.83 -2.36
C ASP B 87 9.07 -6.43 -1.06
N ARG B 88 7.80 -6.85 -1.07
CA ARG B 88 7.19 -7.43 0.12
C ARG B 88 7.39 -8.95 0.25
N GLY B 89 8.20 -9.56 -0.61
CA GLY B 89 8.47 -10.99 -0.55
C GLY B 89 8.11 -11.78 -1.80
N ASP B 90 7.37 -11.23 -2.76
CA ASP B 90 7.07 -11.94 -3.99
C ASP B 90 7.99 -11.49 -5.14
N LYS B 91 9.00 -10.69 -4.81
CA LYS B 91 9.89 -10.03 -5.75
C LYS B 91 9.13 -9.32 -6.87
N VAL B 92 8.08 -8.60 -6.47
CA VAL B 92 7.29 -7.73 -7.32
C VAL B 92 7.31 -6.38 -6.61
N PRO B 93 7.53 -5.27 -7.30
CA PRO B 93 7.55 -3.97 -6.61
C PRO B 93 6.15 -3.56 -6.18
N SER B 94 6.10 -2.82 -5.07
CA SER B 94 4.87 -2.17 -4.64
C SER B 94 5.23 -0.82 -4.06
N MET B 95 4.27 0.09 -4.04
CA MET B 95 4.50 1.48 -3.65
C MET B 95 3.65 1.79 -2.42
N PHE B 96 4.31 2.28 -1.36
CA PHE B 96 3.65 2.69 -0.13
C PHE B 96 3.85 4.18 0.12
N MET B 97 2.75 4.91 0.26
CA MET B 97 2.81 6.35 0.53
C MET B 97 3.06 6.63 2.02
N THR B 98 4.11 7.38 2.34
CA THR B 98 4.46 7.66 3.73
C THR B 98 4.18 9.09 4.18
N ASN B 99 3.98 10.04 3.27
CA ASN B 99 4.01 11.45 3.65
C ASN B 99 3.33 12.25 2.56
N VAL B 100 2.22 12.96 2.88
CA VAL B 100 1.41 13.64 1.88
C VAL B 100 1.20 15.10 2.28
N TRP B 101 1.39 16.00 1.32
CA TRP B 101 1.26 17.44 1.49
C TRP B 101 0.22 17.96 0.52
N THR B 102 -0.59 18.93 0.98
CA THR B 102 -1.63 19.61 0.16
C THR B 102 -1.56 21.11 0.45
N PRO B 103 -1.49 21.96 -0.57
CA PRO B 103 -1.52 23.41 -0.34
C PRO B 103 -2.94 23.89 -0.06
N PRO B 104 -3.10 25.03 0.61
CA PRO B 104 -4.47 25.52 0.88
C PRO B 104 -5.25 25.91 -0.37
N ASN B 105 -4.62 26.56 -1.35
CA ASN B 105 -5.27 26.88 -2.62
C ASN B 105 -4.72 25.98 -3.70
N PRO B 106 -5.49 25.01 -4.20
CA PRO B 106 -4.95 24.08 -5.23
C PRO B 106 -4.71 24.71 -6.59
N SER B 107 -5.20 25.92 -6.84
CA SER B 107 -5.14 26.44 -8.20
C SER B 107 -3.87 27.23 -8.50
N THR B 108 -3.11 27.63 -7.47
CA THR B 108 -1.95 28.49 -7.65
C THR B 108 -0.65 27.73 -7.92
N ILE B 109 -0.60 26.41 -7.60
CA ILE B 109 0.60 25.59 -7.78
C ILE B 109 0.62 24.99 -9.18
N HIS B 110 1.70 25.22 -9.92
CA HIS B 110 1.83 24.73 -11.29
C HIS B 110 3.23 24.14 -11.55
N HIS B 111 3.27 23.16 -12.44
CA HIS B 111 4.51 22.60 -13.00
C HIS B 111 5.50 22.19 -11.90
N CYS B 112 5.10 21.20 -11.11
CA CYS B 112 6.00 20.72 -10.08
C CYS B 112 7.04 19.77 -10.66
N SER B 113 8.17 19.67 -9.99
CA SER B 113 9.26 18.78 -10.40
C SER B 113 10.00 18.32 -9.15
N SER B 114 10.23 17.03 -9.03
CA SER B 114 10.75 16.41 -7.82
C SER B 114 12.13 15.81 -8.05
N THR B 115 13.04 16.08 -7.12
CA THR B 115 14.37 15.50 -7.12
C THR B 115 14.70 15.00 -5.71
N TYR B 116 15.28 13.79 -5.65
CA TYR B 116 15.59 13.13 -4.39
C TYR B 116 17.01 13.46 -3.90
N HIS B 117 17.14 13.64 -2.58
CA HIS B 117 18.48 13.69 -1.97
C HIS B 117 18.36 13.29 -0.51
N GLU B 118 18.86 12.08 -0.22
CA GLU B 118 19.26 11.45 1.03
C GLU B 118 18.22 11.21 2.12
N ASP B 119 17.31 12.15 2.32
CA ASP B 119 16.25 12.01 3.31
C ASP B 119 14.93 12.53 2.78
N PHE B 120 14.97 13.31 1.71
CA PHE B 120 13.82 14.08 1.28
C PHE B 120 13.69 13.96 -0.21
N TYR B 121 12.47 14.16 -0.68
CA TYR B 121 12.24 14.62 -2.03
C TYR B 121 12.06 16.12 -1.96
N TYR B 122 12.74 16.82 -2.84
CA TYR B 122 12.60 18.26 -3.02
C TYR B 122 11.75 18.49 -4.26
N THR B 123 10.60 19.11 -4.09
CA THR B 123 9.69 19.40 -5.19
C THR B 123 9.63 20.90 -5.42
N LEU B 124 10.03 21.33 -6.62
CA LEU B 124 10.01 22.74 -7.02
C LEU B 124 8.78 22.98 -7.90
N CYS B 125 8.00 24.01 -7.57
CA CYS B 125 6.80 24.37 -8.32
C CYS B 125 6.80 25.86 -8.62
N ALA B 126 6.02 26.24 -9.63
CA ALA B 126 5.70 27.62 -9.88
C ALA B 126 4.43 27.98 -9.11
N VAL B 127 4.33 29.25 -8.72
CA VAL B 127 3.15 29.81 -8.09
C VAL B 127 2.57 30.83 -9.04
N SER B 128 1.28 30.70 -9.34
CA SER B 128 0.71 31.55 -10.37
C SER B 128 -0.69 31.98 -9.97
N HIS B 129 -1.03 33.22 -10.27
CA HIS B 129 -2.40 33.70 -10.15
C HIS B 129 -3.06 33.93 -11.50
N VAL B 130 -2.39 33.51 -12.57
CA VAL B 130 -2.91 33.72 -13.91
C VAL B 130 -3.04 32.39 -14.67
N GLY B 131 -3.12 31.28 -13.94
CA GLY B 131 -3.20 29.99 -14.61
C GLY B 131 -1.84 29.51 -15.05
N ASP B 132 -1.84 28.69 -16.09
CA ASP B 132 -0.63 28.10 -16.62
C ASP B 132 0.32 29.15 -17.18
N PRO B 133 1.51 29.31 -16.62
CA PRO B 133 2.49 30.28 -17.16
C PRO B 133 2.84 30.07 -18.62
N ILE B 134 2.82 28.83 -19.10
CA ILE B 134 3.07 28.56 -20.52
C ILE B 134 2.01 29.24 -21.39
N LEU B 135 0.77 29.34 -20.90
CA LEU B 135 -0.32 29.96 -21.65
C LEU B 135 -0.55 31.42 -21.31
N ASN B 136 0.04 31.92 -20.24
CA ASN B 136 -0.08 33.30 -19.80
C ASN B 136 1.30 33.86 -19.48
N SER B 137 2.21 33.72 -20.45
CA SER B 137 3.63 34.04 -20.23
C SER B 137 3.82 35.49 -19.80
N THR B 138 3.24 36.43 -20.53
CA THR B 138 3.41 37.84 -20.18
C THR B 138 2.80 38.15 -18.82
N SER B 139 1.62 37.62 -18.55
CA SER B 139 0.91 37.91 -17.30
C SER B 139 1.66 37.40 -16.07
N TRP B 140 2.31 36.25 -16.17
CA TRP B 140 2.87 35.58 -15.01
C TRP B 140 4.13 36.28 -14.52
N THR B 141 4.15 36.63 -13.24
CA THR B 141 5.38 37.13 -12.62
C THR B 141 6.08 35.98 -11.92
N GLU B 142 7.38 35.88 -12.12
CA GLU B 142 8.15 34.75 -11.62
C GLU B 142 7.95 34.54 -10.13
N SER B 143 7.49 33.35 -9.76
CA SER B 143 7.27 32.97 -8.38
C SER B 143 7.48 31.47 -8.24
N LEU B 144 8.49 31.07 -7.49
CA LEU B 144 8.85 29.66 -7.33
C LEU B 144 8.85 29.27 -5.86
N SER B 145 8.43 28.05 -5.58
CA SER B 145 8.43 27.58 -4.20
C SER B 145 8.93 26.16 -4.16
N LEU B 146 9.45 25.79 -2.98
CA LEU B 146 10.00 24.47 -2.74
C LEU B 146 9.21 23.79 -1.62
N ILE B 147 8.78 22.55 -1.86
CA ILE B 147 8.14 21.71 -0.86
C ILE B 147 9.05 20.52 -0.60
N ARG B 148 9.66 20.48 0.58
CA ARG B 148 10.57 19.41 0.96
C ARG B 148 9.82 18.42 1.85
N LEU B 149 9.87 17.13 1.49
CA LEU B 149 9.13 16.08 2.19
C LEU B 149 10.06 14.94 2.56
N ALA B 150 10.05 14.56 3.85
CA ALA B 150 10.82 13.41 4.29
C ALA B 150 10.19 12.13 3.77
N VAL B 151 11.02 11.26 3.17
CA VAL B 151 10.49 9.99 2.69
C VAL B 151 10.17 9.04 3.84
N ARG B 152 10.81 9.21 5.00
CA ARG B 152 10.49 8.42 6.19
C ARG B 152 10.24 9.41 7.32
N PRO B 153 9.00 9.88 7.47
CA PRO B 153 8.69 10.88 8.50
C PRO B 153 9.02 10.38 9.90
N LYS B 154 9.21 11.33 10.80
CA LYS B 154 9.51 11.05 12.20
C LYS B 154 8.60 11.90 13.06
N SER B 155 8.11 11.34 14.15
CA SER B 155 7.30 12.11 15.11
C SER B 155 8.12 13.16 15.85
N ASP B 156 7.50 14.32 16.12
CA ASP B 156 8.09 15.37 16.96
C ASP B 156 9.50 15.73 16.48
N SER B 157 9.56 16.17 15.20
CA SER B 157 10.81 16.46 14.51
C SER B 157 10.80 17.86 13.90
N GLY B 158 9.84 18.72 14.28
CA GLY B 158 9.71 20.06 13.76
C GLY B 158 9.29 20.13 12.31
N ASP B 159 10.11 20.78 11.47
CA ASP B 159 9.82 20.89 10.05
C ASP B 159 10.57 19.83 9.24
N TYR B 160 11.05 18.79 9.91
CA TYR B 160 11.72 17.71 9.21
C TYR B 160 10.78 17.03 8.21
N ASN B 161 9.53 16.78 8.62
CA ASN B 161 8.62 16.02 7.78
C ASN B 161 8.21 16.79 6.53
N GLN B 162 7.83 18.06 6.71
CA GLN B 162 7.29 18.90 5.65
C GLN B 162 7.79 20.32 5.85
N LYS B 163 8.44 20.87 4.83
CA LYS B 163 8.93 22.24 4.88
C LYS B 163 8.61 22.92 3.56
N TYR B 164 7.85 24.00 3.63
CA TYR B 164 7.50 24.83 2.48
C TYR B 164 8.32 26.11 2.54
N ILE B 165 8.94 26.48 1.44
CA ILE B 165 9.76 27.69 1.41
C ILE B 165 9.59 28.38 0.06
N ALA B 166 9.24 29.66 0.10
CA ALA B 166 9.26 30.50 -1.08
C ALA B 166 10.69 30.88 -1.40
N ILE B 167 11.06 30.82 -2.68
CA ILE B 167 12.41 31.11 -3.11
C ILE B 167 12.41 32.48 -3.78
N THR B 168 13.34 33.34 -3.39
CA THR B 168 13.37 34.70 -3.92
C THR B 168 14.58 35.00 -4.81
N LYS B 169 15.68 34.27 -4.64
CA LYS B 169 16.92 34.54 -5.36
C LYS B 169 17.04 33.56 -6.52
N VAL B 170 16.74 34.03 -7.73
CA VAL B 170 16.70 33.20 -8.92
C VAL B 170 17.61 33.84 -9.96
N GLU B 171 18.67 33.13 -10.34
CA GLU B 171 19.59 33.61 -11.36
C GLU B 171 19.11 33.11 -12.72
N ARG B 172 18.53 34.00 -13.51
CA ARG B 172 17.93 33.55 -14.76
C ARG B 172 18.72 34.03 -15.97
N GLY B 173 19.88 34.63 -15.75
CA GLY B 173 20.73 35.03 -16.86
C GLY B 173 20.02 36.01 -17.77
N LYS B 174 20.10 35.74 -19.07
CA LYS B 174 19.47 36.60 -20.07
C LYS B 174 17.96 36.42 -20.12
N TYR B 175 17.44 35.34 -19.55
CA TYR B 175 16.02 35.04 -19.62
C TYR B 175 15.22 36.00 -18.75
N ASP B 176 13.99 36.26 -19.17
CA ASP B 176 13.07 37.11 -18.38
C ASP B 176 12.59 36.38 -17.15
N LYS B 177 12.22 35.11 -17.30
CA LYS B 177 11.58 34.28 -16.27
C LYS B 177 12.00 32.83 -16.50
N VAL B 178 12.05 32.04 -15.42
CA VAL B 178 12.37 30.62 -15.52
C VAL B 178 11.42 29.83 -14.62
N MET B 179 11.29 28.53 -14.90
CA MET B 179 10.27 27.72 -14.23
C MET B 179 10.62 26.24 -14.39
N PRO B 180 10.30 25.40 -13.40
CA PRO B 180 10.45 23.95 -13.61
C PRO B 180 9.52 23.51 -14.72
N TYR B 181 9.96 22.51 -15.47
CA TYR B 181 9.17 22.02 -16.60
C TYR B 181 9.54 20.55 -16.84
N GLY B 182 8.85 19.65 -16.14
CA GLY B 182 9.13 18.24 -16.23
C GLY B 182 9.05 17.53 -14.88
N PRO B 183 8.89 16.20 -14.90
CA PRO B 183 8.56 15.48 -13.65
C PRO B 183 9.68 15.36 -12.63
N SER B 184 10.93 15.15 -13.05
CA SER B 184 11.94 14.78 -12.07
C SER B 184 13.35 15.14 -12.55
N GLY B 185 14.23 15.37 -11.58
CA GLY B 185 15.63 15.65 -11.87
C GLY B 185 16.58 14.72 -11.13
N ILE B 186 17.84 15.16 -10.98
CA ILE B 186 18.91 14.37 -10.40
C ILE B 186 19.61 15.18 -9.32
N LYS B 187 20.28 14.45 -8.45
CA LYS B 187 21.27 15.00 -7.54
C LYS B 187 22.65 14.64 -8.06
N GLN B 188 23.62 15.53 -7.80
CA GLN B 188 25.04 15.23 -8.01
C GLN B 188 25.76 15.72 -6.75
N GLY B 189 26.15 14.79 -5.89
CA GLY B 189 26.67 15.20 -4.60
C GLY B 189 25.55 15.86 -3.81
N ASP B 190 25.77 17.13 -3.46
CA ASP B 190 24.81 17.89 -2.67
C ASP B 190 24.07 18.93 -3.50
N THR B 191 24.17 18.86 -4.83
CA THR B 191 23.52 19.80 -5.72
C THR B 191 22.43 19.07 -6.50
N LEU B 192 21.27 19.73 -6.60
CA LEU B 192 20.10 19.23 -7.32
C LEU B 192 19.91 19.97 -8.64
N TYR B 193 19.42 19.24 -9.65
CA TYR B 193 19.11 19.82 -10.95
C TYR B 193 17.69 19.43 -11.35
N PHE B 194 16.84 20.43 -11.62
CA PHE B 194 15.47 20.18 -12.02
C PHE B 194 15.32 20.51 -13.50
N PRO B 195 14.63 19.67 -14.28
CA PRO B 195 14.31 20.06 -15.64
C PRO B 195 13.51 21.36 -15.59
N ALA B 196 13.83 22.28 -16.49
CA ALA B 196 13.28 23.62 -16.39
C ALA B 196 13.16 24.23 -17.78
N VAL B 197 12.57 25.42 -17.84
CA VAL B 197 12.40 26.14 -19.09
C VAL B 197 12.63 27.62 -18.79
N GLY B 198 13.22 28.32 -19.76
CA GLY B 198 13.43 29.75 -19.71
C GLY B 198 12.58 30.45 -20.76
N PHE B 199 12.01 31.60 -20.39
CA PHE B 199 11.25 32.45 -21.30
C PHE B 199 12.15 33.59 -21.78
N LEU B 200 12.43 33.61 -23.08
CA LEU B 200 13.27 34.65 -23.67
C LEU B 200 12.47 35.42 -24.70
N PRO B 201 12.41 36.75 -24.61
CA PRO B 201 11.65 37.51 -25.60
C PRO B 201 12.14 37.18 -27.01
N ARG B 202 11.18 36.98 -27.91
CA ARG B 202 11.49 36.68 -29.30
C ARG B 202 12.48 37.69 -29.88
N THR B 203 12.37 38.97 -29.48
CA THR B 203 13.26 40.00 -30.02
C THR B 203 14.72 39.79 -29.61
N GLU B 204 15.01 39.04 -28.54
CA GLU B 204 16.38 38.79 -28.12
C GLU B 204 16.91 37.43 -28.54
N PHE B 205 16.09 36.61 -29.18
CA PHE B 205 16.47 35.26 -29.58
C PHE B 205 17.34 35.30 -30.83
N GLN B 206 18.48 34.61 -30.76
CA GLN B 206 19.46 34.53 -31.83
C GLN B 206 19.09 33.35 -32.73
N TYR B 207 18.75 33.60 -33.99
CA TYR B 207 18.62 32.40 -34.81
C TYR B 207 18.90 32.75 -36.27
N ASN B 208 19.81 32.00 -36.89
CA ASN B 208 20.07 32.08 -38.32
C ASN B 208 19.19 31.05 -39.01
N ASP B 209 18.18 31.51 -39.76
CA ASP B 209 17.27 30.61 -40.46
C ASP B 209 17.98 29.62 -41.37
N SER B 210 19.25 29.87 -41.70
CA SER B 210 20.01 28.93 -42.51
C SER B 210 20.31 27.63 -41.78
N ASN B 211 20.22 27.62 -40.45
CA ASN B 211 20.44 26.39 -39.69
C ASN B 211 19.21 25.50 -39.60
N CYS B 212 18.07 25.95 -40.11
CA CYS B 212 16.84 25.17 -40.03
C CYS B 212 16.87 24.11 -41.13
N PRO B 213 16.84 22.79 -40.79
CA PRO B 213 17.08 21.79 -41.83
C PRO B 213 15.83 21.55 -42.67
N ILE B 214 15.80 22.14 -43.87
CA ILE B 214 14.66 22.04 -44.77
C ILE B 214 14.99 21.20 -45.99
N ILE B 215 16.17 20.59 -46.03
CA ILE B 215 16.52 19.70 -47.12
C ILE B 215 15.54 18.54 -47.17
N HIS B 216 15.11 18.19 -48.39
CA HIS B 216 14.15 17.12 -48.62
C HIS B 216 12.81 17.38 -47.91
N CYS B 217 12.51 18.66 -47.67
CA CYS B 217 11.25 19.09 -47.07
C CYS B 217 10.68 20.17 -47.99
N LYS B 218 9.82 19.78 -48.94
CA LYS B 218 9.40 20.73 -49.97
C LYS B 218 8.52 21.83 -49.39
N TYR B 219 7.68 21.49 -48.40
CA TYR B 219 6.72 22.44 -47.87
C TYR B 219 7.21 23.19 -46.64
N SER B 220 8.50 23.16 -46.33
CA SER B 220 9.03 23.83 -45.16
C SER B 220 9.77 25.09 -45.59
N LYS B 221 9.55 26.17 -44.86
CA LYS B 221 10.28 27.40 -45.10
C LYS B 221 11.38 27.55 -44.06
N ALA B 222 12.42 28.31 -44.42
CA ALA B 222 13.59 28.43 -43.56
C ALA B 222 13.25 29.04 -42.21
N GLU B 223 12.19 29.82 -42.13
CA GLU B 223 11.78 30.48 -40.89
C GLU B 223 11.11 29.54 -39.91
N ASN B 224 10.81 28.31 -40.31
CA ASN B 224 9.88 27.48 -39.54
C ASN B 224 10.44 27.06 -38.20
N CYS B 225 11.75 26.86 -38.11
CA CYS B 225 12.33 26.44 -36.84
C CYS B 225 12.25 27.57 -35.82
N ARG B 226 12.58 28.79 -36.22
CA ARG B 226 12.56 29.92 -35.30
C ARG B 226 11.13 30.26 -34.91
N LEU B 227 10.20 30.22 -35.85
CA LEU B 227 8.81 30.54 -35.52
C LEU B 227 8.22 29.52 -34.55
N SER B 228 8.62 28.25 -34.69
CA SER B 228 8.11 27.17 -33.84
C SER B 228 8.87 27.04 -32.52
N MET B 229 9.80 27.96 -32.20
CA MET B 229 10.42 28.02 -30.88
C MET B 229 9.54 28.69 -29.84
N GLY B 230 8.39 29.23 -30.23
CA GLY B 230 7.41 29.73 -29.31
C GLY B 230 6.09 29.00 -29.52
N VAL B 231 5.14 29.23 -28.61
CA VAL B 231 3.89 28.48 -28.64
C VAL B 231 3.02 28.87 -29.82
N ASN B 232 3.27 30.02 -30.44
CA ASN B 232 2.73 30.31 -31.75
C ASN B 232 3.72 31.24 -32.47
N SER B 233 3.50 31.43 -33.77
CA SER B 233 4.47 32.14 -34.60
C SER B 233 4.72 33.58 -34.11
N LYS B 234 3.75 34.19 -33.44
CA LYS B 234 3.88 35.57 -33.00
C LYS B 234 3.91 35.67 -31.48
N SER B 235 4.27 34.57 -30.80
CA SER B 235 4.44 34.56 -29.36
C SER B 235 5.46 35.62 -28.93
N HIS B 236 5.15 36.30 -27.82
CA HIS B 236 6.11 37.26 -27.28
C HIS B 236 7.42 36.58 -26.86
N TYR B 237 7.33 35.34 -26.40
CA TYR B 237 8.49 34.60 -25.93
C TYR B 237 8.75 33.39 -26.80
N ILE B 238 10.02 32.98 -26.84
CA ILE B 238 10.37 31.62 -27.18
C ILE B 238 10.65 30.91 -25.87
N LEU B 239 10.53 29.57 -25.89
CA LEU B 239 10.81 28.71 -24.74
C LEU B 239 12.08 27.90 -24.97
N ARG B 240 12.96 27.87 -23.98
CA ARG B 240 14.22 27.13 -24.08
C ARG B 240 14.32 26.19 -22.89
N SER B 241 14.43 24.89 -23.15
CA SER B 241 14.55 23.95 -22.04
C SER B 241 15.96 24.07 -21.42
N GLY B 242 16.08 23.50 -20.21
CA GLY B 242 17.32 23.58 -19.45
C GLY B 242 17.14 22.97 -18.06
N LEU B 243 17.95 23.44 -17.11
CA LEU B 243 17.93 22.98 -15.73
C LEU B 243 17.88 24.14 -14.76
N LEU B 244 17.34 23.88 -13.57
CA LEU B 244 17.43 24.77 -12.42
C LEU B 244 18.30 24.11 -11.37
N LYS B 245 19.37 24.78 -10.99
CA LYS B 245 20.37 24.21 -10.10
C LYS B 245 20.19 24.78 -8.69
N TYR B 246 20.19 23.90 -7.70
CA TYR B 246 20.01 24.27 -6.31
C TYR B 246 21.09 23.52 -5.52
N ASN B 247 22.05 24.25 -4.99
CA ASN B 247 23.19 23.68 -4.29
C ASN B 247 22.88 23.69 -2.79
N LEU B 248 22.62 22.50 -2.23
CA LEU B 248 22.25 22.40 -0.82
C LEU B 248 23.36 22.82 0.13
N SER B 249 24.61 22.85 -0.34
CA SER B 249 25.75 23.14 0.51
C SER B 249 25.86 24.63 0.86
N LEU B 250 25.38 25.53 0.00
CA LEU B 250 25.56 26.97 0.25
C LEU B 250 24.87 27.39 1.54
N GLY B 251 23.63 26.94 1.75
CA GLY B 251 22.97 27.10 3.03
C GLY B 251 22.18 28.35 3.39
N GLY B 252 22.59 29.52 2.90
CA GLY B 252 21.86 30.74 3.23
C GLY B 252 20.57 30.93 2.47
N ASP B 253 20.33 32.15 2.01
CA ASP B 253 19.21 32.41 1.10
C ASP B 253 19.33 31.48 -0.10
N ILE B 254 18.31 30.63 -0.31
CA ILE B 254 18.35 29.68 -1.42
C ILE B 254 18.48 30.42 -2.75
N ILE B 255 19.45 30.00 -3.55
CA ILE B 255 19.64 30.52 -4.91
C ILE B 255 19.40 29.38 -5.88
N LEU B 256 18.54 29.61 -6.87
CA LEU B 256 18.40 28.70 -8.01
C LEU B 256 19.05 29.34 -9.22
N GLN B 257 19.70 28.52 -10.05
CA GLN B 257 20.40 29.03 -11.23
C GLN B 257 19.92 28.28 -12.46
N PHE B 258 19.52 29.02 -13.49
CA PHE B 258 19.05 28.41 -14.72
C PHE B 258 20.23 28.08 -15.63
N ILE B 259 20.18 26.89 -16.21
CA ILE B 259 21.20 26.42 -17.15
C ILE B 259 20.46 26.04 -18.43
N GLU B 260 20.69 26.77 -19.50
CA GLU B 260 20.00 26.49 -20.75
C GLU B 260 20.60 25.27 -21.43
N ILE B 261 19.75 24.52 -22.13
CA ILE B 261 20.22 23.41 -22.93
C ILE B 261 20.94 23.95 -24.18
N ALA B 262 21.95 23.22 -24.64
CA ALA B 262 22.68 23.59 -25.85
C ALA B 262 21.81 23.49 -27.10
N ASP B 263 22.22 24.21 -28.15
CA ASP B 263 21.38 24.35 -29.33
C ASP B 263 21.48 23.20 -30.35
N ASN B 264 22.22 22.13 -30.06
CA ASN B 264 22.23 20.98 -30.98
C ASN B 264 20.87 20.30 -30.96
N ARG B 265 20.28 20.12 -32.14
CA ARG B 265 18.93 19.58 -32.29
C ARG B 265 17.93 20.33 -31.42
N LEU B 266 18.01 21.65 -31.46
CA LEU B 266 17.16 22.51 -30.66
C LEU B 266 15.69 22.36 -31.07
N THR B 267 14.81 22.24 -30.08
CA THR B 267 13.36 22.34 -30.30
C THR B 267 12.76 23.15 -29.16
N ILE B 268 11.49 23.51 -29.31
CA ILE B 268 10.86 24.39 -28.33
C ILE B 268 10.95 23.76 -26.94
N GLY B 269 11.30 24.57 -25.94
CA GLY B 269 11.26 24.18 -24.54
C GLY B 269 9.97 23.47 -24.18
N SER B 270 10.10 22.32 -23.52
CA SER B 270 9.00 21.39 -23.36
C SER B 270 9.27 20.58 -22.10
N PRO B 271 8.26 19.89 -21.56
CA PRO B 271 8.50 19.09 -20.36
C PRO B 271 9.60 18.07 -20.62
N SER B 272 10.53 17.99 -19.68
CA SER B 272 11.73 17.18 -19.82
C SER B 272 12.02 16.48 -18.50
N LYS B 273 12.98 15.57 -18.53
CA LYS B 273 13.50 15.05 -17.27
C LYS B 273 14.95 14.64 -17.46
N ILE B 274 15.68 14.69 -16.36
CA ILE B 274 17.06 14.23 -16.31
C ILE B 274 17.14 13.18 -15.21
N TYR B 275 17.83 12.09 -15.50
CA TYR B 275 17.90 10.97 -14.59
C TYR B 275 19.24 10.28 -14.76
N ASN B 276 19.66 9.60 -13.71
CA ASN B 276 20.89 8.80 -13.72
C ASN B 276 20.54 7.35 -14.01
N SER B 277 21.27 6.73 -14.92
CA SER B 277 21.11 5.31 -15.16
C SER B 277 22.49 4.72 -15.40
N LEU B 278 22.81 3.67 -14.64
CA LEU B 278 24.06 2.94 -14.82
C LEU B 278 25.26 3.88 -14.77
N GLY B 279 25.20 4.83 -13.83
CA GLY B 279 26.33 5.68 -13.51
C GLY B 279 26.40 7.03 -14.21
N GLN B 280 25.45 7.34 -15.09
CA GLN B 280 25.58 8.60 -15.83
C GLN B 280 24.23 9.23 -16.12
N PRO B 281 24.18 10.56 -16.23
CA PRO B 281 22.90 11.22 -16.46
C PRO B 281 22.40 11.06 -17.89
N VAL B 282 21.08 10.96 -18.00
CA VAL B 282 20.37 10.83 -19.27
C VAL B 282 19.29 11.91 -19.30
N PHE B 283 19.02 12.45 -20.49
CA PHE B 283 18.04 13.52 -20.65
C PHE B 283 16.96 13.07 -21.63
N TYR B 284 15.70 13.40 -21.32
CA TYR B 284 14.59 13.24 -22.24
C TYR B 284 13.88 14.58 -22.36
N GLN B 285 13.55 14.97 -23.60
CA GLN B 285 12.83 16.21 -23.87
C GLN B 285 11.62 15.88 -24.75
N ALA B 286 10.43 16.26 -24.30
CA ALA B 286 9.22 16.00 -25.10
C ALA B 286 9.30 16.72 -26.44
N SER B 287 8.78 16.06 -27.48
CA SER B 287 8.73 16.64 -28.82
C SER B 287 7.41 17.39 -28.96
N TYR B 288 7.45 18.70 -28.68
CA TYR B 288 6.25 19.52 -28.74
C TYR B 288 6.15 20.32 -30.04
N SER B 289 6.92 19.95 -31.07
CA SER B 289 6.93 20.67 -32.34
C SER B 289 7.16 19.71 -33.51
N TRP B 290 7.75 20.21 -34.60
CA TRP B 290 7.92 19.47 -35.86
C TRP B 290 8.93 18.32 -35.79
N ASP B 291 9.86 18.35 -34.83
CA ASP B 291 10.89 17.32 -34.69
C ASP B 291 10.35 16.23 -33.77
N THR B 292 9.59 15.29 -34.37
CA THR B 292 8.73 14.37 -33.63
C THR B 292 9.36 13.03 -33.25
N MET B 293 10.56 12.69 -33.73
CA MET B 293 11.18 11.47 -33.24
C MET B 293 11.69 11.68 -31.81
N ILE B 294 11.77 10.59 -31.04
CA ILE B 294 12.03 10.74 -29.61
C ILE B 294 13.36 11.46 -29.39
N LYS B 295 13.38 12.39 -28.43
CA LYS B 295 14.60 13.13 -28.08
C LYS B 295 15.07 12.66 -26.71
N LEU B 296 16.12 11.83 -26.71
CA LEU B 296 16.72 11.40 -25.46
C LEU B 296 18.18 11.07 -25.73
N GLY B 297 18.99 11.10 -24.67
CA GLY B 297 20.37 10.72 -24.83
C GLY B 297 21.19 10.97 -23.59
N ASP B 298 22.39 10.39 -23.60
CA ASP B 298 23.38 10.66 -22.57
C ASP B 298 23.65 12.15 -22.46
N VAL B 299 23.74 12.62 -21.22
CA VAL B 299 24.15 13.99 -20.94
C VAL B 299 25.67 14.02 -21.03
N ASP B 300 26.22 14.80 -21.97
CA ASP B 300 27.66 14.94 -22.08
C ASP B 300 28.24 15.73 -20.91
N THR B 301 27.67 16.91 -20.66
CA THR B 301 28.00 17.77 -19.53
C THR B 301 26.71 18.29 -18.94
N VAL B 302 26.68 18.46 -17.61
CA VAL B 302 25.48 18.95 -16.95
C VAL B 302 25.44 20.47 -16.98
N ASP B 303 26.59 21.12 -16.76
CA ASP B 303 26.69 22.58 -16.73
C ASP B 303 28.01 23.00 -17.38
N PRO B 304 27.98 23.49 -18.62
CA PRO B 304 26.80 23.73 -19.46
C PRO B 304 26.10 22.44 -19.90
N LEU B 305 24.78 22.50 -20.11
CA LEU B 305 24.00 21.30 -20.39
C LEU B 305 24.09 20.97 -21.88
N ARG B 306 24.61 19.79 -22.20
CA ARG B 306 24.67 19.35 -23.58
C ARG B 306 24.34 17.87 -23.67
N VAL B 307 23.36 17.53 -24.49
CA VAL B 307 22.84 16.18 -24.57
C VAL B 307 23.27 15.57 -25.90
N GLN B 308 23.74 14.32 -25.84
CA GLN B 308 24.09 13.55 -27.04
C GLN B 308 22.85 12.78 -27.47
N TRP B 309 22.00 13.46 -28.24
CA TRP B 309 20.71 12.89 -28.63
C TRP B 309 20.90 11.62 -29.46
N ARG B 310 20.08 10.62 -29.17
CA ARG B 310 20.08 9.39 -29.96
C ARG B 310 19.57 9.69 -31.37
N ASN B 311 20.12 8.97 -32.34
CA ASN B 311 19.56 8.93 -33.68
C ASN B 311 18.56 7.77 -33.74
N ASN B 312 17.44 8.00 -33.07
CA ASN B 312 16.39 7.02 -32.93
C ASN B 312 15.41 7.17 -34.07
N SER B 313 15.14 6.07 -34.76
CA SER B 313 14.28 6.09 -35.94
C SER B 313 12.97 5.32 -35.73
N VAL B 314 12.66 4.88 -34.51
CA VAL B 314 11.48 4.04 -34.34
C VAL B 314 10.48 4.55 -33.32
N ILE B 315 10.81 5.46 -32.40
CA ILE B 315 9.84 5.93 -31.42
C ILE B 315 9.52 7.40 -31.68
N SER B 316 8.24 7.72 -31.73
CA SER B 316 7.74 9.06 -32.00
C SER B 316 6.55 9.31 -31.07
N ARG B 317 5.74 10.32 -31.38
CA ARG B 317 4.55 10.59 -30.60
C ARG B 317 3.43 11.08 -31.51
N PRO B 318 2.18 10.87 -31.13
CA PRO B 318 1.06 11.34 -31.96
C PRO B 318 0.97 12.85 -31.95
N GLY B 319 0.59 13.41 -33.09
CA GLY B 319 0.19 14.80 -33.16
C GLY B 319 -0.82 14.94 -34.28
N GLN B 320 -1.49 16.08 -34.30
CA GLN B 320 -2.42 16.44 -35.38
C GLN B 320 -1.79 17.39 -36.40
N SER B 321 -2.62 18.15 -37.13
CA SER B 321 -2.48 18.38 -38.56
C SER B 321 -1.06 18.40 -39.06
N GLN B 322 -0.35 19.42 -38.62
CA GLN B 322 0.90 19.83 -39.20
C GLN B 322 2.06 18.91 -38.83
N CYS B 323 2.08 18.41 -37.59
CA CYS B 323 3.21 17.60 -37.12
C CYS B 323 2.71 16.33 -36.46
N PRO B 324 2.22 15.38 -37.26
CA PRO B 324 1.78 14.08 -36.71
C PRO B 324 3.00 13.22 -36.44
N ARG B 325 2.73 12.01 -35.97
CA ARG B 325 3.80 11.06 -35.67
C ARG B 325 4.70 10.83 -36.88
N PHE B 326 6.00 10.75 -36.64
CA PHE B 326 7.06 10.53 -37.62
C PHE B 326 7.34 11.74 -38.50
N ASN B 327 6.65 12.86 -38.31
CA ASN B 327 7.05 14.07 -39.00
C ASN B 327 8.48 14.43 -38.63
N VAL B 328 9.25 14.87 -39.63
CA VAL B 328 10.64 15.29 -39.44
C VAL B 328 10.93 16.62 -40.10
N CYS B 329 9.95 17.26 -40.74
CA CYS B 329 10.21 18.46 -41.51
C CYS B 329 9.76 19.69 -40.73
N PRO B 330 10.59 20.75 -40.70
CA PRO B 330 10.25 21.93 -39.89
C PRO B 330 8.92 22.51 -40.34
N GLU B 331 8.01 22.64 -39.37
CA GLU B 331 6.70 23.27 -39.53
C GLU B 331 6.43 24.13 -38.32
N VAL B 332 5.48 25.05 -38.44
CA VAL B 332 5.09 25.90 -37.32
C VAL B 332 3.96 25.18 -36.58
N CYS B 333 4.31 24.49 -35.51
CA CYS B 333 3.35 23.71 -34.77
C CYS B 333 3.77 23.63 -33.31
N TRP B 334 2.78 23.48 -32.44
CA TRP B 334 2.98 23.28 -31.00
C TRP B 334 1.98 22.21 -30.59
N GLU B 335 2.45 20.97 -30.52
CA GLU B 335 1.56 19.84 -30.27
C GLU B 335 2.39 18.63 -29.86
N GLY B 336 1.72 17.65 -29.27
CA GLY B 336 2.36 16.42 -28.87
C GLY B 336 2.14 16.16 -27.40
N THR B 337 2.71 15.05 -26.93
CA THR B 337 2.57 14.62 -25.57
C THR B 337 3.94 14.23 -25.02
N TYR B 338 4.04 14.26 -23.70
CA TYR B 338 5.22 13.80 -22.99
C TYR B 338 5.10 12.29 -22.78
N ASN B 339 6.02 11.51 -23.37
CA ASN B 339 6.06 10.04 -23.21
C ASN B 339 7.53 9.67 -23.15
N ASP B 340 8.08 9.60 -21.94
CA ASP B 340 9.53 9.50 -21.80
C ASP B 340 9.96 8.02 -21.89
N ALA B 341 11.27 7.81 -21.80
CA ALA B 341 11.85 6.48 -21.81
C ALA B 341 13.10 6.50 -20.95
N PHE B 342 13.45 5.35 -20.41
CA PHE B 342 14.47 5.22 -19.38
C PHE B 342 15.53 4.23 -19.86
N LEU B 343 16.77 4.69 -19.97
CA LEU B 343 17.87 3.82 -20.37
C LEU B 343 18.06 2.67 -19.37
N ILE B 344 18.06 1.44 -19.86
CA ILE B 344 18.25 0.28 -18.99
C ILE B 344 19.46 -0.56 -19.36
N ASP B 345 20.19 -0.22 -20.43
CA ASP B 345 21.41 -0.96 -20.82
C ASP B 345 22.28 -0.02 -21.64
N ARG B 346 23.35 0.50 -21.05
CA ARG B 346 24.15 1.49 -21.75
C ARG B 346 24.98 0.86 -22.87
N LEU B 347 25.51 -0.35 -22.66
CA LEU B 347 26.37 -0.97 -23.66
C LEU B 347 25.67 -1.10 -25.00
N ASN B 348 24.40 -1.52 -24.99
CA ASN B 348 23.63 -1.64 -26.23
C ASN B 348 22.64 -0.50 -26.41
N TRP B 349 22.63 0.48 -25.51
CA TRP B 349 21.70 1.61 -25.53
C TRP B 349 20.26 1.18 -25.76
N VAL B 350 19.78 0.35 -24.83
CA VAL B 350 18.41 -0.14 -24.79
C VAL B 350 17.63 0.68 -23.77
N SER B 351 16.40 1.05 -24.12
CA SER B 351 15.59 1.90 -23.27
C SER B 351 14.20 1.28 -23.12
N ALA B 352 13.48 1.71 -22.09
CA ALA B 352 12.12 1.24 -21.83
C ALA B 352 11.22 2.43 -21.55
N GLY B 353 10.02 2.41 -22.14
CA GLY B 353 9.08 3.51 -21.98
C GLY B 353 7.78 3.15 -22.68
N VAL B 354 6.79 4.02 -22.49
CA VAL B 354 5.47 3.86 -23.08
C VAL B 354 5.32 4.89 -24.19
N TYR B 355 4.93 4.42 -25.37
CA TYR B 355 4.57 5.34 -26.43
C TYR B 355 3.09 5.14 -26.75
N LEU B 356 2.50 6.15 -27.37
CA LEU B 356 1.10 6.13 -27.75
C LEU B 356 1.03 5.70 -29.22
N ASN B 357 0.51 4.50 -29.46
CA ASN B 357 0.58 3.88 -30.78
C ASN B 357 -0.57 4.39 -31.66
N SER B 358 -0.40 5.61 -32.16
CA SER B 358 -1.34 6.21 -33.08
C SER B 358 -0.70 7.47 -33.67
N ASN B 359 -1.11 7.82 -34.89
CA ASN B 359 -0.47 8.91 -35.62
C ASN B 359 -1.00 10.28 -35.20
N GLN B 360 -2.31 10.41 -34.98
CA GLN B 360 -2.91 11.71 -34.72
C GLN B 360 -3.84 11.74 -33.53
N THR B 361 -3.92 10.67 -32.75
CA THR B 361 -4.76 10.68 -31.56
C THR B 361 -3.93 10.18 -30.38
N ALA B 362 -4.06 10.86 -29.26
CA ALA B 362 -3.38 10.44 -28.03
C ALA B 362 -4.11 9.24 -27.46
N GLU B 363 -3.66 8.04 -27.83
CA GLU B 363 -4.32 6.81 -27.41
C GLU B 363 -3.37 5.63 -27.59
N ASN B 364 -3.80 4.46 -27.11
CA ASN B 364 -3.11 3.17 -27.25
C ASN B 364 -1.73 3.14 -26.59
N PRO B 365 -1.66 3.21 -25.26
CA PRO B 365 -0.36 3.09 -24.59
C PRO B 365 0.25 1.73 -24.81
N VAL B 366 1.51 1.71 -25.25
CA VAL B 366 2.27 0.49 -25.48
C VAL B 366 3.59 0.61 -24.74
N PHE B 367 3.89 -0.35 -23.86
CA PHE B 367 5.17 -0.38 -23.17
C PHE B 367 6.18 -1.12 -24.06
N ALA B 368 7.28 -0.45 -24.43
CA ALA B 368 8.23 -0.99 -25.39
C ALA B 368 9.65 -0.95 -24.84
N VAL B 369 10.43 -1.96 -25.22
CA VAL B 369 11.87 -2.01 -24.96
C VAL B 369 12.53 -1.89 -26.33
N PHE B 370 13.35 -0.83 -26.52
CA PHE B 370 13.79 -0.49 -27.88
C PHE B 370 15.24 -0.05 -27.92
N LYS B 371 15.84 -0.21 -29.10
CA LYS B 371 17.12 0.35 -29.47
C LYS B 371 16.89 1.54 -30.41
N ASP B 372 17.98 2.18 -30.84
CA ASP B 372 17.85 3.36 -31.69
C ASP B 372 16.97 3.10 -32.91
N ASN B 373 17.16 1.96 -33.57
CA ASN B 373 16.53 1.69 -34.87
C ASN B 373 15.65 0.44 -34.84
N GLU B 374 15.19 0.02 -33.68
CA GLU B 374 14.57 -1.28 -33.54
C GLU B 374 13.81 -1.40 -32.22
N ILE B 375 12.51 -1.67 -32.28
CA ILE B 375 11.78 -2.09 -31.08
C ILE B 375 12.03 -3.59 -30.88
N LEU B 376 12.60 -3.96 -29.73
CA LEU B 376 12.90 -5.38 -29.50
C LEU B 376 11.64 -6.16 -29.12
N TYR B 377 10.90 -5.69 -28.11
CA TYR B 377 9.64 -6.32 -27.74
C TYR B 377 8.78 -5.27 -27.04
N GLN B 378 7.47 -5.50 -27.03
CA GLN B 378 6.53 -4.52 -26.52
C GLN B 378 5.23 -5.22 -26.13
N VAL B 379 4.36 -4.48 -25.46
CA VAL B 379 3.06 -4.98 -25.00
C VAL B 379 2.11 -3.80 -24.79
N PRO B 380 0.86 -3.89 -25.25
CA PRO B 380 -0.10 -2.82 -24.97
C PRO B 380 -0.48 -2.81 -23.49
N LEU B 381 -0.76 -1.63 -22.98
CA LEU B 381 -1.18 -1.53 -21.59
C LEU B 381 -2.69 -1.43 -21.42
N ALA B 382 -3.44 -1.27 -22.51
CA ALA B 382 -4.90 -1.14 -22.44
C ALA B 382 -5.52 -1.53 -23.78
N GLU B 383 -6.83 -1.77 -23.75
CA GLU B 383 -7.58 -1.96 -24.99
C GLU B 383 -7.28 -0.83 -25.96
N ASP B 384 -7.38 -1.14 -27.24
CA ASP B 384 -6.91 -0.04 -28.07
C ASP B 384 -8.12 0.86 -28.34
N ASP B 385 -7.83 2.09 -28.78
CA ASP B 385 -8.73 3.25 -28.71
C ASP B 385 -9.01 3.66 -27.27
N THR B 386 -8.19 3.21 -26.33
CA THR B 386 -8.15 3.80 -25.00
C THR B 386 -7.35 5.11 -25.08
N ASN B 387 -7.97 6.21 -24.70
CA ASN B 387 -7.30 7.50 -24.72
C ASN B 387 -6.31 7.58 -23.56
N ALA B 388 -5.13 8.11 -23.85
CA ALA B 388 -4.07 8.23 -22.85
C ALA B 388 -3.15 9.35 -23.30
N GLN B 389 -2.60 10.12 -22.35
CA GLN B 389 -1.69 11.14 -22.84
C GLN B 389 -0.27 11.03 -22.31
N LYS B 390 -0.02 11.51 -21.09
CA LYS B 390 1.33 11.60 -20.57
C LYS B 390 1.72 10.28 -19.93
N THR B 391 2.95 9.82 -20.20
CA THR B 391 3.48 8.62 -19.57
C THR B 391 4.86 8.90 -19.00
N ILE B 392 5.12 8.35 -17.83
CA ILE B 392 6.37 8.57 -17.11
C ILE B 392 6.92 7.20 -16.69
N THR B 393 8.09 6.84 -17.20
CA THR B 393 8.69 5.53 -16.92
C THR B 393 9.99 5.70 -16.15
N ASP B 394 10.10 5.00 -15.02
CA ASP B 394 11.33 4.96 -14.24
C ASP B 394 11.69 3.51 -13.94
N CYS B 395 12.96 3.15 -14.18
CA CYS B 395 13.42 1.77 -13.99
C CYS B 395 14.47 1.71 -12.88
N PHE B 396 14.56 0.53 -12.29
CA PHE B 396 15.31 0.32 -11.06
C PHE B 396 15.57 -1.18 -10.95
N LEU B 397 16.20 -1.58 -9.85
CA LEU B 397 16.51 -2.98 -9.60
C LEU B 397 15.73 -3.47 -8.39
N LEU B 398 15.16 -4.67 -8.52
CA LEU B 398 14.63 -5.43 -7.40
C LEU B 398 15.44 -6.71 -7.35
N GLU B 399 16.31 -6.83 -6.34
CA GLU B 399 17.30 -7.92 -6.25
C GLU B 399 18.02 -8.16 -7.57
N ASN B 400 18.60 -7.09 -8.11
CA ASN B 400 19.43 -7.09 -9.33
C ASN B 400 18.66 -7.41 -10.60
N VAL B 401 17.34 -7.49 -10.57
CA VAL B 401 16.52 -7.65 -11.76
C VAL B 401 15.91 -6.29 -12.13
N ILE B 402 15.96 -5.93 -13.41
CA ILE B 402 15.45 -4.64 -13.88
C ILE B 402 13.92 -4.67 -13.94
N TRP B 403 13.29 -3.75 -13.21
CA TRP B 403 11.86 -3.50 -13.25
C TRP B 403 11.61 -2.04 -13.65
N CYS B 404 10.46 -1.77 -14.26
CA CYS B 404 10.07 -0.40 -14.56
C CYS B 404 8.67 -0.15 -13.99
N ILE B 405 8.47 1.06 -13.47
CA ILE B 405 7.14 1.53 -13.11
C ILE B 405 6.78 2.65 -14.08
N SER B 406 5.62 2.55 -14.72
CA SER B 406 5.14 3.56 -15.65
C SER B 406 3.83 4.14 -15.14
N LEU B 407 3.80 5.46 -15.00
CA LEU B 407 2.55 6.19 -14.80
C LEU B 407 1.98 6.54 -16.16
N VAL B 408 0.70 6.22 -16.37
CA VAL B 408 0.03 6.50 -17.63
C VAL B 408 -1.23 7.30 -17.32
N GLU B 409 -1.30 8.51 -17.85
CA GLU B 409 -2.50 9.33 -17.69
C GLU B 409 -3.53 8.79 -18.67
N ILE B 410 -4.55 8.13 -18.16
CA ILE B 410 -5.35 7.22 -18.97
C ILE B 410 -6.82 7.54 -18.78
N TYR B 411 -7.59 7.36 -19.85
CA TYR B 411 -9.05 7.41 -19.77
C TYR B 411 -9.51 6.09 -19.20
N ASP B 412 -10.12 6.13 -18.02
CA ASP B 412 -10.57 4.90 -17.38
C ASP B 412 -12.03 4.65 -17.76
N THR B 413 -12.27 3.54 -18.45
CA THR B 413 -13.63 3.14 -18.80
C THR B 413 -14.49 2.75 -17.60
N GLY B 414 -14.04 1.82 -16.75
CA GLY B 414 -14.92 1.37 -15.65
C GLY B 414 -15.49 2.53 -14.88
N ASP B 415 -14.65 3.52 -14.56
CA ASP B 415 -15.01 4.78 -13.93
C ASP B 415 -14.66 5.91 -14.90
N SER B 416 -15.68 6.47 -15.59
CA SER B 416 -15.41 7.27 -16.78
C SER B 416 -14.71 8.58 -16.39
N VAL B 417 -13.42 8.47 -16.03
CA VAL B 417 -12.60 9.61 -15.64
C VAL B 417 -11.21 9.49 -16.25
N ILE B 418 -10.57 10.63 -16.41
CA ILE B 418 -9.13 10.67 -16.69
C ILE B 418 -8.40 10.60 -15.36
N ARG B 419 -7.43 9.69 -15.28
CA ARG B 419 -6.69 9.52 -14.03
C ARG B 419 -5.40 8.79 -14.32
N PRO B 420 -4.36 8.96 -13.48
CA PRO B 420 -3.14 8.19 -13.65
C PRO B 420 -3.34 6.75 -13.21
N LYS B 421 -2.72 5.83 -13.96
CA LYS B 421 -2.58 4.43 -13.55
C LYS B 421 -1.11 4.07 -13.55
N LEU B 422 -0.74 3.16 -12.66
CA LEU B 422 0.65 2.75 -12.44
C LEU B 422 0.83 1.30 -12.81
N PHE B 423 1.75 1.02 -13.72
CA PHE B 423 2.05 -0.33 -14.16
C PHE B 423 3.49 -0.68 -13.79
N ALA B 424 3.67 -1.88 -13.27
CA ALA B 424 5.00 -2.44 -13.02
C ALA B 424 5.30 -3.48 -14.10
N VAL B 425 6.48 -3.42 -14.68
CA VAL B 425 6.84 -4.30 -15.78
C VAL B 425 8.26 -4.79 -15.57
N LYS B 426 8.42 -6.09 -15.38
CA LYS B 426 9.75 -6.69 -15.30
C LYS B 426 10.32 -6.87 -16.71
N ILE B 427 11.61 -6.58 -16.87
CA ILE B 427 12.30 -6.83 -18.14
C ILE B 427 12.84 -8.25 -18.08
N PRO B 428 12.36 -9.16 -18.93
CA PRO B 428 12.71 -10.57 -18.77
C PRO B 428 14.11 -10.88 -19.26
N ALA B 429 14.68 -11.94 -18.68
CA ALA B 429 15.97 -12.41 -19.13
C ALA B 429 15.85 -13.22 -20.42
N GLN B 430 14.81 -14.05 -20.55
CA GLN B 430 14.66 -14.94 -21.69
C GLN B 430 13.79 -14.31 -22.77
N CYS B 431 14.15 -14.57 -24.03
CA CYS B 431 13.41 -14.04 -25.16
C CYS B 431 12.20 -14.89 -25.54
N SER B 432 11.92 -15.94 -24.79
CA SER B 432 10.75 -16.78 -24.98
C SER B 432 9.78 -16.61 -23.80
N GLU B 433 8.48 -16.79 -24.13
CA GLU B 433 7.29 -16.70 -23.27
C GLU B 433 7.22 -17.91 -22.36
N SER B 434 7.36 -19.08 -22.96
CA SER B 434 7.37 -20.36 -22.25
C SER B 434 8.57 -20.45 -21.34
#